data_1J0K
#
_entry.id   1J0K
#
_cell.length_a   68.006
_cell.length_b   73.758
_cell.length_c   123.246
_cell.angle_alpha   90.00
_cell.angle_beta   90.15
_cell.angle_gamma   90.00
#
_symmetry.space_group_name_H-M   'P 1 21 1'
#
loop_
_entity.id
_entity.type
_entity.pdbx_description
1 polymer neopullulanase
2 branched alpha-D-glucopyranose-(1-4)-alpha-D-glucopyranose-(1-6)-alpha-D-glucopyranose
3 water water
#
_entity_poly.entity_id   1
_entity_poly.type   'polypeptide(L)'
_entity_poly.pdbx_seq_one_letter_code
;MRKEAIYHRPADNFAYAYDSETLHLRLRTKKDDIDRVELLHGDPYDWQNGAWQFQMMPMRKTGSDELFDYWFAEVKPPYR
RLRYGFVLYSGEEKLVYTEKGFYFEVPTDDTAYYFCFPFLHRVDLFEAPDWVKDTVWYQIFPERFANGNPSISPEGSRPW
GSEDPTPTSFFGGDLQGIIDHLDYLVDLGITGIYLTPIFRSPSNHKYDTADYFEVDPHFGDKETLKTLIDRCHEKGIRVM
LDAVFNHCGYEFAPFQDVWKNGESSKYKDWFHIHEFPLQTEPRPNYDTFAFVPQMPKLNTANPEVKRYLLDVATYWIREF
DIDGWRLDVANEIDHEFWREFRQEVKALKPDVYILGQIWHDAMPWLRGDQFDAVMNYPFTDGVLRFFAKEEISARQFANQ
MMHVLHSYPNNVNEAAFNLLGSHDTSRILTVCGGDIRKVKLLFLFQLTFTGSPCIYYGDEIGMTGGNDPECRKCMVWDPM
QQNKELHQHVKQLIALRKQYRSLRRGEISFLHADDEMNYLIYKKTDGDETVLVIINRSDQKADIPIPLDARGTWLVNLLT
GERFAAEAETLCTSLPPYGFVLYAIEHW
;
_entity_poly.pdbx_strand_id   A,B
#
loop_
_chem_comp.id
_chem_comp.type
_chem_comp.name
_chem_comp.formula
GLC D-saccharide, alpha linking alpha-D-glucopyranose 'C6 H12 O6'
#
# COMPACT_ATOMS: atom_id res chain seq x y z
N MET A 1 -0.13 4.24 29.65
CA MET A 1 0.13 3.76 28.26
C MET A 1 0.50 4.93 27.36
N ARG A 2 1.39 4.68 26.42
CA ARG A 2 1.83 5.71 25.50
C ARG A 2 1.02 5.67 24.20
N LYS A 3 -0.07 6.41 24.16
CA LYS A 3 -0.92 6.41 22.98
C LYS A 3 -0.17 6.62 21.69
N GLU A 4 0.69 7.63 21.65
CA GLU A 4 1.46 7.92 20.44
C GLU A 4 2.29 6.78 19.90
N ALA A 5 2.57 5.77 20.72
CA ALA A 5 3.38 4.66 20.22
C ALA A 5 2.53 3.53 19.67
N ILE A 6 1.27 3.46 20.10
CA ILE A 6 0.34 2.43 19.63
C ILE A 6 0.04 2.71 18.16
N TYR A 7 0.10 1.68 17.32
CA TYR A 7 -0.20 1.90 15.91
C TYR A 7 -0.76 0.71 15.15
N HIS A 8 -1.63 1.00 14.20
CA HIS A 8 -2.24 -0.02 13.36
C HIS A 8 -2.86 0.60 12.12
N ARG A 9 -2.53 0.05 10.96
CA ARG A 9 -3.09 0.52 9.71
C ARG A 9 -3.56 -0.74 9.00
N PRO A 10 -4.84 -0.81 8.70
CA PRO A 10 -5.46 -1.97 8.04
C PRO A 10 -4.93 -2.29 6.64
N ALA A 11 -3.71 -2.82 6.57
CA ALA A 11 -3.15 -3.16 5.28
C ALA A 11 -1.74 -3.70 5.39
N ASP A 12 -1.14 -3.94 4.23
CA ASP A 12 0.21 -4.44 4.18
C ASP A 12 0.53 -5.35 5.36
N ASN A 13 1.60 -5.07 6.09
CA ASN A 13 2.00 -5.94 7.19
C ASN A 13 1.08 -6.02 8.41
N PHE A 14 0.17 -5.07 8.58
CA PHE A 14 -0.72 -5.09 9.73
C PHE A 14 -2.02 -5.86 9.54
N ALA A 15 -2.55 -5.89 8.33
CA ALA A 15 -3.80 -6.63 8.12
C ALA A 15 -3.67 -7.29 6.78
N TYR A 16 -3.90 -8.60 6.74
CA TYR A 16 -3.75 -9.33 5.50
C TYR A 16 -4.29 -10.74 5.59
N ALA A 17 -4.93 -11.17 4.50
CA ALA A 17 -5.50 -12.50 4.40
C ALA A 17 -4.37 -13.51 4.31
N TYR A 18 -4.33 -14.45 5.25
CA TYR A 18 -3.28 -15.44 5.18
C TYR A 18 -3.64 -16.50 4.15
N ASP A 19 -4.90 -16.87 4.12
CA ASP A 19 -5.38 -17.86 3.19
C ASP A 19 -6.78 -17.48 2.81
N SER A 20 -7.59 -18.49 2.51
CA SER A 20 -8.95 -18.20 2.05
C SER A 20 -10.02 -18.15 3.12
N GLU A 21 -9.63 -18.02 4.38
CA GLU A 21 -10.62 -17.95 5.45
C GLU A 21 -9.95 -17.54 6.75
N THR A 22 -8.65 -17.33 6.66
CA THR A 22 -7.83 -16.95 7.78
C THR A 22 -7.03 -15.70 7.46
N LEU A 23 -7.22 -14.65 8.25
CA LEU A 23 -6.48 -13.42 8.03
C LEU A 23 -5.76 -13.00 9.29
N HIS A 24 -4.62 -12.33 9.12
CA HIS A 24 -3.81 -11.89 10.25
C HIS A 24 -3.88 -10.42 10.55
N LEU A 25 -3.95 -10.11 11.83
CA LEU A 25 -3.98 -8.74 12.29
C LEU A 25 -2.75 -8.58 13.16
N ARG A 26 -2.14 -7.40 13.08
CA ARG A 26 -0.94 -7.10 13.84
C ARG A 26 -1.03 -5.71 14.46
N LEU A 27 -0.52 -5.55 15.67
CA LEU A 27 -0.53 -4.26 16.37
C LEU A 27 0.86 -3.91 16.90
N ARG A 28 1.20 -2.62 16.95
CA ARG A 28 2.50 -2.14 17.44
C ARG A 28 2.37 -1.27 18.68
N THR A 29 3.27 -1.47 19.64
CA THR A 29 3.21 -0.68 20.87
C THR A 29 4.60 -0.41 21.43
N LYS A 30 4.73 0.57 22.33
CA LYS A 30 6.02 0.87 22.93
C LYS A 30 6.46 -0.34 23.74
N LYS A 31 7.68 -0.82 23.50
CA LYS A 31 8.19 -1.99 24.21
C LYS A 31 8.00 -1.94 25.72
N ASP A 32 7.34 -2.98 26.26
CA ASP A 32 7.04 -3.16 27.69
C ASP A 32 5.95 -2.28 28.29
N ASP A 33 5.45 -1.34 27.50
CA ASP A 33 4.41 -0.42 27.92
C ASP A 33 3.02 -1.01 28.21
N ILE A 34 2.62 -2.02 27.44
CA ILE A 34 1.30 -2.67 27.58
C ILE A 34 1.32 -4.06 28.21
N ASP A 35 0.51 -4.28 29.24
CA ASP A 35 0.46 -5.59 29.88
C ASP A 35 -0.06 -6.64 28.91
N ARG A 36 -1.31 -6.48 28.47
CA ARG A 36 -1.92 -7.40 27.53
C ARG A 36 -2.72 -6.68 26.46
N VAL A 37 -2.98 -7.39 25.36
CA VAL A 37 -3.76 -6.84 24.26
C VAL A 37 -4.76 -7.88 23.81
N GLU A 38 -5.97 -7.42 23.47
CA GLU A 38 -7.04 -8.28 23.02
C GLU A 38 -7.70 -7.72 21.78
N LEU A 39 -7.90 -8.56 20.78
CA LEU A 39 -8.52 -8.13 19.56
C LEU A 39 -10.05 -8.16 19.65
N LEU A 40 -10.67 -6.99 19.50
CA LEU A 40 -12.11 -6.88 19.54
C LEU A 40 -12.59 -7.05 18.08
N HIS A 41 -13.33 -8.11 17.78
CA HIS A 41 -13.74 -8.32 16.40
C HIS A 41 -15.14 -8.91 16.20
N GLY A 42 -15.69 -8.72 15.01
CA GLY A 42 -17.02 -9.25 14.71
C GLY A 42 -17.45 -8.88 13.30
N ASP A 43 -18.48 -9.54 12.79
CA ASP A 43 -18.98 -9.28 11.44
C ASP A 43 -19.73 -7.95 11.36
N PRO A 44 -19.30 -7.05 10.47
CA PRO A 44 -19.87 -5.73 10.27
C PRO A 44 -21.40 -5.62 10.26
N TYR A 45 -22.09 -6.75 10.11
CA TYR A 45 -23.54 -6.67 10.06
C TYR A 45 -24.30 -7.56 11.01
N ASP A 46 -23.59 -8.19 11.95
CA ASP A 46 -24.22 -9.07 12.91
C ASP A 46 -24.76 -8.31 14.11
N TRP A 47 -25.94 -7.73 13.96
CA TRP A 47 -26.54 -7.01 15.06
C TRP A 47 -27.79 -7.71 15.55
N GLN A 48 -27.97 -7.70 16.88
CA GLN A 48 -29.11 -8.32 17.52
C GLN A 48 -29.45 -7.47 18.75
N ASN A 49 -30.72 -7.50 19.16
CA ASN A 49 -31.19 -6.70 20.29
C ASN A 49 -30.53 -5.34 20.22
N GLY A 50 -30.29 -4.88 18.99
CA GLY A 50 -29.68 -3.59 18.76
C GLY A 50 -28.23 -3.45 19.24
N ALA A 51 -27.52 -4.56 19.29
CA ALA A 51 -26.13 -4.57 19.73
C ALA A 51 -25.27 -5.40 18.79
N TRP A 52 -24.12 -4.86 18.41
CA TRP A 52 -23.19 -5.52 17.52
C TRP A 52 -22.49 -6.73 18.14
N GLN A 53 -22.93 -7.94 17.78
CA GLN A 53 -22.32 -9.15 18.31
C GLN A 53 -20.84 -9.18 17.94
N PHE A 54 -19.97 -8.94 18.91
CA PHE A 54 -18.53 -8.97 18.65
C PHE A 54 -17.85 -9.80 19.73
N GLN A 55 -16.72 -10.40 19.40
CA GLN A 55 -15.97 -11.23 20.34
C GLN A 55 -14.62 -10.64 20.75
N MET A 56 -14.05 -11.16 21.82
CA MET A 56 -12.77 -10.68 22.32
C MET A 56 -11.73 -11.76 22.24
N MET A 57 -10.82 -11.67 21.27
CA MET A 57 -9.77 -12.68 21.16
C MET A 57 -8.45 -12.10 21.63
N PRO A 58 -7.82 -12.71 22.66
CA PRO A 58 -6.54 -12.23 23.18
C PRO A 58 -5.38 -12.28 22.16
N MET A 59 -4.51 -11.28 22.18
CA MET A 59 -3.42 -11.26 21.23
C MET A 59 -2.07 -11.69 21.77
N ARG A 60 -1.27 -12.25 20.87
CA ARG A 60 0.03 -12.80 21.20
C ARG A 60 1.20 -11.92 20.76
N LYS A 61 2.12 -11.63 21.69
CA LYS A 61 3.31 -10.81 21.42
C LYS A 61 4.34 -11.66 20.69
N THR A 62 4.46 -11.44 19.38
CA THR A 62 5.39 -12.22 18.58
C THR A 62 6.81 -11.69 18.50
N GLY A 63 7.09 -10.64 19.26
CA GLY A 63 8.43 -10.08 19.26
C GLY A 63 8.47 -8.59 19.50
N SER A 64 9.68 -8.04 19.54
CA SER A 64 9.86 -6.60 19.75
C SER A 64 11.18 -6.18 19.12
N ASP A 65 11.38 -4.88 18.94
CA ASP A 65 12.63 -4.39 18.39
C ASP A 65 13.22 -3.39 19.39
N GLU A 66 13.92 -2.39 18.87
CA GLU A 66 14.54 -1.36 19.69
C GLU A 66 13.52 -0.59 20.53
N LEU A 67 12.41 -0.19 19.89
CA LEU A 67 11.41 0.61 20.57
C LEU A 67 10.02 -0.01 20.70
N PHE A 68 9.71 -1.04 19.92
CA PHE A 68 8.37 -1.57 19.99
C PHE A 68 8.14 -3.02 20.37
N ASP A 69 6.89 -3.28 20.71
CA ASP A 69 6.38 -4.59 21.05
C ASP A 69 5.43 -4.85 19.87
N TYR A 70 5.37 -6.09 19.39
CA TYR A 70 4.49 -6.41 18.29
C TYR A 70 3.56 -7.52 18.71
N TRP A 71 2.26 -7.30 18.54
CA TRP A 71 1.25 -8.28 18.91
C TRP A 71 0.63 -8.90 17.68
N PHE A 72 0.30 -10.18 17.77
CA PHE A 72 -0.29 -10.93 16.67
C PHE A 72 -1.64 -11.53 17.05
N ALA A 73 -2.46 -11.82 16.04
CA ALA A 73 -3.78 -12.40 16.21
C ALA A 73 -4.19 -13.09 14.91
N GLU A 74 -4.82 -14.24 15.00
CA GLU A 74 -5.23 -14.97 13.80
C GLU A 74 -6.74 -15.08 13.88
N VAL A 75 -7.46 -14.58 12.88
CA VAL A 75 -8.90 -14.63 12.96
C VAL A 75 -9.58 -15.04 11.67
N LYS A 76 -10.60 -15.89 11.82
CA LYS A 76 -11.39 -16.39 10.71
C LYS A 76 -12.80 -15.81 10.79
N PRO A 77 -13.09 -14.76 10.02
CA PRO A 77 -14.43 -14.17 10.07
C PRO A 77 -15.46 -15.20 9.64
N PRO A 78 -16.56 -15.33 10.39
CA PRO A 78 -17.59 -16.31 10.01
C PRO A 78 -18.10 -16.12 8.59
N TYR A 79 -18.30 -14.88 8.17
CA TYR A 79 -18.80 -14.63 6.81
C TYR A 79 -17.80 -13.88 5.94
N ARG A 80 -16.52 -14.01 6.28
CA ARG A 80 -15.44 -13.38 5.53
C ARG A 80 -15.47 -11.86 5.50
N ARG A 81 -16.14 -11.26 6.48
CA ARG A 81 -16.22 -9.81 6.62
C ARG A 81 -15.82 -9.55 8.06
N LEU A 82 -15.14 -8.43 8.33
CA LEU A 82 -14.69 -8.17 9.69
C LEU A 82 -14.47 -6.71 10.08
N ARG A 83 -15.00 -6.32 11.23
CA ARG A 83 -14.83 -4.97 11.76
C ARG A 83 -14.06 -5.17 13.05
N TYR A 84 -12.95 -4.50 13.26
CA TYR A 84 -12.23 -4.74 14.51
C TYR A 84 -11.53 -3.53 15.12
N GLY A 85 -11.10 -3.71 16.37
CA GLY A 85 -10.39 -2.70 17.12
C GLY A 85 -9.49 -3.44 18.10
N PHE A 86 -8.71 -2.71 18.89
CA PHE A 86 -7.81 -3.34 19.87
C PHE A 86 -8.02 -2.80 21.26
N VAL A 87 -8.04 -3.70 22.23
CA VAL A 87 -8.21 -3.32 23.63
C VAL A 87 -6.90 -3.53 24.38
N LEU A 88 -6.40 -2.48 25.01
CA LEU A 88 -5.15 -2.58 25.73
C LEU A 88 -5.26 -2.43 27.23
N TYR A 89 -4.53 -3.28 27.95
CA TYR A 89 -4.54 -3.27 29.40
C TYR A 89 -3.17 -3.07 30.00
N SER A 90 -3.10 -2.17 30.97
CA SER A 90 -1.85 -1.87 31.66
C SER A 90 -2.23 -1.63 33.11
N GLY A 91 -2.32 -2.71 33.88
CA GLY A 91 -2.69 -2.63 35.27
C GLY A 91 -4.21 -2.68 35.36
N GLU A 92 -4.81 -1.52 35.60
CA GLU A 92 -6.26 -1.39 35.67
C GLU A 92 -6.71 -0.46 34.53
N GLU A 93 -5.73 0.27 33.97
CA GLU A 93 -5.95 1.22 32.87
C GLU A 93 -6.37 0.49 31.62
N LYS A 94 -7.35 1.05 30.92
CA LYS A 94 -7.86 0.42 29.72
C LYS A 94 -7.95 1.38 28.55
N LEU A 95 -7.47 0.93 27.39
CA LEU A 95 -7.54 1.76 26.19
C LEU A 95 -8.13 0.97 25.03
N VAL A 96 -8.93 1.64 24.23
CA VAL A 96 -9.53 1.00 23.08
C VAL A 96 -9.07 1.75 21.86
N TYR A 97 -8.21 1.11 21.08
CA TYR A 97 -7.66 1.67 19.87
C TYR A 97 -8.50 1.28 18.64
N THR A 98 -8.98 2.30 17.93
CA THR A 98 -9.83 2.12 16.74
C THR A 98 -9.45 3.08 15.62
N GLU A 99 -10.04 2.88 14.46
CA GLU A 99 -9.76 3.72 13.31
C GLU A 99 -10.10 5.17 13.60
N LYS A 100 -11.05 5.34 14.51
CA LYS A 100 -11.53 6.65 14.90
C LYS A 100 -10.82 7.21 16.10
N GLY A 101 -9.81 6.49 16.61
CA GLY A 101 -9.05 6.96 17.76
C GLY A 101 -9.15 6.12 19.03
N PHE A 102 -8.63 6.67 20.14
CA PHE A 102 -8.66 5.98 21.43
C PHE A 102 -9.91 6.25 22.23
N TYR A 103 -10.38 5.20 22.88
CA TYR A 103 -11.55 5.28 23.75
C TYR A 103 -11.19 4.54 25.00
N PHE A 104 -11.80 4.94 26.10
CA PHE A 104 -11.53 4.34 27.41
C PHE A 104 -12.54 3.29 27.80
N GLU A 105 -13.37 2.91 26.83
CA GLU A 105 -14.38 1.88 26.99
C GLU A 105 -14.98 1.61 25.61
N VAL A 106 -15.13 0.34 25.29
CA VAL A 106 -15.65 -0.11 24.01
C VAL A 106 -16.93 0.55 23.49
N PRO A 107 -16.81 1.35 22.43
CA PRO A 107 -18.03 1.98 21.92
C PRO A 107 -18.78 0.85 21.24
N THR A 108 -20.10 0.85 21.32
CA THR A 108 -20.83 -0.25 20.72
C THR A 108 -22.10 0.11 19.94
N ASP A 109 -22.42 1.40 19.84
CA ASP A 109 -23.61 1.83 19.12
C ASP A 109 -23.37 1.92 17.62
N ASP A 110 -22.20 1.49 17.18
CA ASP A 110 -21.88 1.59 15.78
C ASP A 110 -20.65 0.74 15.46
N THR A 111 -20.42 0.48 14.18
CA THR A 111 -19.26 -0.31 13.80
C THR A 111 -18.26 0.57 13.03
N ALA A 112 -18.57 1.86 12.92
CA ALA A 112 -17.73 2.78 12.19
C ALA A 112 -16.44 3.19 12.92
N TYR A 113 -16.40 3.04 14.22
CA TYR A 113 -15.20 3.40 14.97
C TYR A 113 -14.12 2.40 14.61
N TYR A 114 -14.56 1.21 14.22
CA TYR A 114 -13.64 0.14 13.96
C TYR A 114 -12.91 -0.01 12.65
N PHE A 115 -11.70 -0.56 12.75
CA PHE A 115 -10.86 -0.82 11.60
C PHE A 115 -11.62 -1.85 10.80
N CYS A 116 -11.46 -1.84 9.50
CA CYS A 116 -12.20 -2.79 8.68
C CYS A 116 -11.41 -3.59 7.65
N PHE A 117 -11.80 -4.85 7.49
CA PHE A 117 -11.20 -5.71 6.48
C PHE A 117 -12.38 -6.32 5.75
N PRO A 118 -12.98 -5.54 4.86
CA PRO A 118 -14.13 -5.84 4.02
C PRO A 118 -14.44 -7.29 3.64
N PHE A 119 -13.57 -7.93 2.86
CA PHE A 119 -13.85 -9.29 2.43
C PHE A 119 -12.60 -10.09 2.11
N LEU A 120 -12.71 -11.41 2.19
CA LEU A 120 -11.58 -12.28 1.91
C LEU A 120 -11.67 -12.90 0.51
N HIS A 121 -11.04 -12.24 -0.46
CA HIS A 121 -11.05 -12.72 -1.82
C HIS A 121 -9.78 -13.47 -2.15
N ARG A 122 -9.93 -14.66 -2.74
CA ARG A 122 -8.78 -15.47 -3.09
C ARG A 122 -7.94 -14.74 -4.12
N VAL A 123 -8.58 -13.98 -4.99
CA VAL A 123 -7.79 -13.29 -5.99
C VAL A 123 -6.92 -12.19 -5.40
N ASP A 124 -7.14 -11.79 -4.15
CA ASP A 124 -6.31 -10.74 -3.58
C ASP A 124 -5.31 -11.27 -2.58
N LEU A 125 -5.37 -12.58 -2.37
CA LEU A 125 -4.49 -13.30 -1.46
C LEU A 125 -3.06 -13.37 -2.03
N PHE A 126 -2.05 -13.19 -1.16
CA PHE A 126 -0.65 -13.23 -1.59
C PHE A 126 -0.13 -14.66 -1.72
N GLU A 127 0.48 -14.99 -2.86
CA GLU A 127 0.97 -16.36 -3.02
C GLU A 127 2.26 -16.49 -3.80
N ALA A 128 3.30 -16.94 -3.12
CA ALA A 128 4.59 -17.15 -3.74
C ALA A 128 4.69 -18.65 -3.98
N PRO A 129 5.40 -19.07 -5.03
CA PRO A 129 5.49 -20.52 -5.26
C PRO A 129 5.81 -21.19 -3.93
N ASP A 130 5.34 -22.42 -3.75
CA ASP A 130 5.59 -23.09 -2.49
C ASP A 130 6.94 -23.80 -2.50
N TRP A 131 7.33 -24.35 -3.64
CA TRP A 131 8.59 -25.07 -3.71
C TRP A 131 9.75 -24.22 -3.26
N VAL A 132 9.66 -22.93 -3.51
CA VAL A 132 10.74 -22.03 -3.11
C VAL A 132 11.07 -22.11 -1.62
N LYS A 133 10.04 -22.33 -0.81
CA LYS A 133 10.16 -22.41 0.64
C LYS A 133 10.92 -23.61 1.21
N ASP A 134 11.43 -24.47 0.34
CA ASP A 134 12.18 -25.64 0.80
C ASP A 134 13.47 -25.74 -0.01
N THR A 135 13.63 -24.75 -0.87
CA THR A 135 14.78 -24.68 -1.73
C THR A 135 15.96 -24.08 -0.99
N VAL A 136 17.14 -24.19 -1.59
CA VAL A 136 18.38 -23.65 -1.06
C VAL A 136 19.19 -23.34 -2.32
N TRP A 137 19.14 -22.08 -2.74
CA TRP A 137 19.83 -21.66 -3.96
C TRP A 137 21.34 -21.53 -3.88
N TYR A 138 21.95 -21.57 -5.06
CA TYR A 138 23.39 -21.42 -5.21
C TYR A 138 23.53 -20.42 -6.37
N GLN A 139 24.14 -19.26 -6.10
CA GLN A 139 24.35 -18.22 -7.09
C GLN A 139 25.65 -18.43 -7.85
N ILE A 140 25.55 -18.50 -9.17
CA ILE A 140 26.73 -18.70 -10.01
C ILE A 140 26.97 -17.52 -10.94
N PHE A 141 28.26 -17.24 -11.17
CA PHE A 141 28.70 -16.15 -12.06
C PHE A 141 29.34 -16.91 -13.22
N PRO A 142 28.54 -17.32 -14.21
CA PRO A 142 28.94 -18.07 -15.41
C PRO A 142 30.38 -17.84 -15.89
N GLU A 143 30.87 -16.60 -15.77
CA GLU A 143 32.23 -16.32 -16.23
C GLU A 143 33.31 -16.90 -15.36
N ARG A 144 32.98 -17.18 -14.10
CA ARG A 144 33.98 -17.68 -13.17
C ARG A 144 33.74 -19.05 -12.51
N PHE A 145 32.84 -19.87 -13.07
CA PHE A 145 32.56 -21.16 -12.45
C PHE A 145 33.43 -22.30 -12.96
N ALA A 146 33.37 -22.56 -14.26
CA ALA A 146 34.15 -23.62 -14.89
C ALA A 146 34.19 -23.46 -16.40
N ASN A 147 35.38 -23.52 -16.98
CA ASN A 147 35.54 -23.40 -18.43
C ASN A 147 35.27 -24.74 -19.12
N GLY A 148 34.07 -25.27 -18.93
CA GLY A 148 33.73 -26.54 -19.52
C GLY A 148 34.02 -26.68 -21.01
N ASN A 149 33.91 -25.59 -21.78
CA ASN A 149 34.16 -25.65 -23.21
C ASN A 149 35.14 -24.55 -23.62
N PRO A 150 36.45 -24.85 -23.52
CA PRO A 150 37.50 -23.90 -23.87
C PRO A 150 37.54 -23.49 -25.34
N SER A 151 36.64 -24.02 -26.17
CA SER A 151 36.67 -23.65 -27.59
C SER A 151 35.95 -22.33 -27.86
N ILE A 152 35.15 -21.87 -26.90
CA ILE A 152 34.41 -20.61 -27.07
C ILE A 152 34.80 -19.48 -26.10
N SER A 153 35.76 -19.75 -25.22
CA SER A 153 36.21 -18.72 -24.27
C SER A 153 36.62 -17.49 -25.07
N PRO A 154 36.51 -16.30 -24.48
CA PRO A 154 36.90 -15.10 -25.24
C PRO A 154 38.40 -14.96 -25.41
N GLU A 155 38.80 -14.43 -26.56
CA GLU A 155 40.22 -14.22 -26.85
C GLU A 155 40.85 -13.34 -25.78
N GLY A 156 41.89 -13.84 -25.14
CA GLY A 156 42.54 -13.06 -24.11
C GLY A 156 42.34 -13.61 -22.71
N SER A 157 41.45 -14.58 -22.57
CA SER A 157 41.18 -15.18 -21.28
C SER A 157 42.50 -15.52 -20.61
N ARG A 158 42.53 -15.53 -19.28
CA ARG A 158 43.75 -15.87 -18.58
C ARG A 158 43.69 -17.31 -18.04
N PRO A 159 44.85 -17.97 -17.92
CA PRO A 159 44.77 -19.34 -17.40
C PRO A 159 43.95 -19.36 -16.11
N TRP A 160 42.88 -20.17 -16.12
CA TRP A 160 41.96 -20.32 -15.01
C TRP A 160 42.61 -20.20 -13.64
N GLY A 161 42.38 -19.07 -12.99
CA GLY A 161 42.93 -18.85 -11.67
C GLY A 161 44.30 -18.18 -11.68
N SER A 162 44.72 -17.68 -12.85
CA SER A 162 46.02 -17.02 -12.97
C SER A 162 46.18 -15.97 -11.87
N GLU A 163 45.38 -14.91 -11.94
CA GLU A 163 45.45 -13.84 -10.94
C GLU A 163 44.09 -13.21 -10.63
N ASP A 164 44.10 -12.24 -9.70
CA ASP A 164 42.89 -11.51 -9.29
C ASP A 164 42.22 -10.88 -10.50
N PRO A 165 40.89 -11.05 -10.64
CA PRO A 165 40.15 -10.49 -11.77
C PRO A 165 40.10 -8.97 -11.73
N THR A 166 39.71 -8.41 -12.86
CA THR A 166 39.57 -6.98 -13.03
C THR A 166 38.18 -6.75 -13.59
N PRO A 167 37.77 -5.50 -13.73
CA PRO A 167 36.45 -5.21 -14.29
C PRO A 167 36.36 -5.57 -15.77
N THR A 168 37.48 -6.03 -16.33
CA THR A 168 37.49 -6.37 -17.74
C THR A 168 38.14 -7.71 -18.02
N SER A 169 38.61 -8.38 -16.98
CA SER A 169 39.25 -9.68 -17.19
C SER A 169 38.26 -10.79 -17.56
N PHE A 170 38.77 -11.82 -18.22
CA PHE A 170 37.95 -12.96 -18.63
C PHE A 170 38.69 -14.26 -18.35
N PHE A 171 37.97 -15.26 -17.85
CA PHE A 171 38.59 -16.53 -17.58
C PHE A 171 37.81 -17.60 -18.32
N GLY A 172 37.19 -17.18 -19.40
CA GLY A 172 36.42 -18.09 -20.21
C GLY A 172 35.44 -19.02 -19.52
N GLY A 173 34.76 -18.53 -18.48
CA GLY A 173 33.79 -19.38 -17.81
C GLY A 173 32.60 -19.54 -18.75
N ASP A 174 31.97 -20.72 -18.77
CA ASP A 174 30.82 -20.94 -19.64
C ASP A 174 29.77 -21.85 -19.00
N LEU A 175 28.63 -21.99 -19.68
CA LEU A 175 27.50 -22.81 -19.22
C LEU A 175 27.83 -24.29 -19.09
N GLN A 176 28.63 -24.79 -20.04
CA GLN A 176 29.04 -26.19 -20.02
C GLN A 176 29.72 -26.45 -18.67
N GLY A 177 30.48 -25.45 -18.22
CA GLY A 177 31.18 -25.56 -16.96
C GLY A 177 30.22 -25.95 -15.86
N ILE A 178 29.09 -25.24 -15.79
CA ILE A 178 28.07 -25.52 -14.77
C ILE A 178 27.60 -26.97 -14.84
N ILE A 179 27.16 -27.38 -16.03
CA ILE A 179 26.67 -28.75 -16.23
C ILE A 179 27.69 -29.73 -15.68
N ASP A 180 28.94 -29.57 -16.12
CA ASP A 180 30.02 -30.42 -15.70
C ASP A 180 30.17 -30.56 -14.19
N HIS A 181 29.72 -29.55 -13.45
CA HIS A 181 29.86 -29.61 -12.00
C HIS A 181 28.58 -29.80 -11.21
N LEU A 182 27.47 -30.01 -11.89
CA LEU A 182 26.19 -30.21 -11.21
C LEU A 182 26.25 -31.22 -10.06
N ASP A 183 26.98 -32.31 -10.27
CA ASP A 183 27.10 -33.32 -9.24
C ASP A 183 27.70 -32.72 -7.96
N TYR A 184 28.65 -31.80 -8.11
CA TYR A 184 29.24 -31.17 -6.95
C TYR A 184 28.15 -30.52 -6.12
N LEU A 185 27.20 -29.89 -6.80
CA LEU A 185 26.09 -29.22 -6.12
C LEU A 185 25.06 -30.22 -5.62
N VAL A 186 24.72 -31.20 -6.45
CA VAL A 186 23.76 -32.21 -6.06
C VAL A 186 24.22 -32.86 -4.77
N ASP A 187 25.53 -32.88 -4.58
CA ASP A 187 26.12 -33.46 -3.38
C ASP A 187 25.99 -32.48 -2.22
N LEU A 188 26.27 -31.21 -2.47
CA LEU A 188 26.19 -30.19 -1.43
C LEU A 188 24.78 -30.07 -0.86
N GLY A 189 23.78 -30.16 -1.72
CA GLY A 189 22.41 -30.05 -1.25
C GLY A 189 21.63 -29.00 -2.01
N ILE A 190 22.33 -28.33 -2.91
CA ILE A 190 21.72 -27.30 -3.74
C ILE A 190 20.46 -27.80 -4.44
N THR A 191 19.37 -27.08 -4.30
CA THR A 191 18.15 -27.50 -4.95
C THR A 191 17.63 -26.38 -5.83
N GLY A 192 18.46 -25.36 -5.99
CA GLY A 192 18.09 -24.22 -6.82
C GLY A 192 19.32 -23.46 -7.24
N ILE A 193 19.41 -23.17 -8.52
CA ILE A 193 20.56 -22.44 -9.06
C ILE A 193 20.11 -21.13 -9.66
N TYR A 194 20.68 -20.05 -9.14
CA TYR A 194 20.37 -18.72 -9.62
C TYR A 194 21.59 -18.26 -10.40
N LEU A 195 21.37 -17.91 -11.65
CA LEU A 195 22.47 -17.45 -12.48
C LEU A 195 22.38 -15.95 -12.72
N THR A 196 23.53 -15.31 -12.79
CA THR A 196 23.56 -13.89 -13.07
C THR A 196 23.30 -13.82 -14.59
N PRO A 197 23.28 -12.62 -15.19
CA PRO A 197 23.03 -12.54 -16.64
C PRO A 197 23.82 -13.52 -17.49
N ILE A 198 23.17 -14.04 -18.53
CA ILE A 198 23.80 -14.98 -19.46
C ILE A 198 23.50 -14.63 -20.92
N PHE A 199 22.87 -13.49 -21.16
CA PHE A 199 22.57 -13.11 -22.53
C PHE A 199 23.74 -12.32 -23.11
N ARG A 200 23.78 -12.18 -24.44
CA ARG A 200 24.87 -11.46 -25.10
C ARG A 200 25.17 -10.09 -24.51
N SER A 201 26.42 -9.89 -24.12
CA SER A 201 26.86 -8.62 -23.55
C SER A 201 28.39 -8.51 -23.59
N PRO A 202 28.91 -7.40 -24.14
CA PRO A 202 30.34 -7.17 -24.26
C PRO A 202 31.18 -7.34 -22.98
N SER A 203 30.54 -7.17 -21.82
CA SER A 203 31.25 -7.27 -20.55
C SER A 203 31.44 -8.71 -20.06
N ASN A 204 32.15 -8.85 -18.93
CA ASN A 204 32.40 -10.15 -18.34
C ASN A 204 31.41 -10.35 -17.22
N HIS A 205 30.50 -9.41 -17.04
CA HIS A 205 29.48 -9.56 -16.02
C HIS A 205 28.12 -9.63 -16.71
N LYS A 206 28.07 -9.11 -17.93
CA LYS A 206 26.86 -9.14 -18.74
C LYS A 206 25.66 -8.36 -18.22
N TYR A 207 25.88 -7.38 -17.34
CA TYR A 207 24.74 -6.61 -16.84
C TYR A 207 24.33 -5.53 -17.85
N ASP A 208 25.09 -5.38 -18.91
CA ASP A 208 24.77 -4.40 -19.96
C ASP A 208 24.38 -5.16 -21.23
N THR A 209 23.15 -5.67 -21.23
CA THR A 209 22.61 -6.47 -22.33
C THR A 209 22.74 -5.87 -23.72
N ALA A 210 22.98 -6.73 -24.69
CA ALA A 210 23.11 -6.33 -26.10
C ALA A 210 21.93 -6.94 -26.88
N ASP A 211 21.46 -8.09 -26.44
CA ASP A 211 20.36 -8.75 -27.11
C ASP A 211 19.71 -9.78 -26.17
N TYR A 212 18.55 -9.44 -25.63
CA TYR A 212 17.83 -10.30 -24.69
C TYR A 212 17.40 -11.66 -25.19
N PHE A 213 17.45 -11.85 -26.50
CA PHE A 213 17.06 -13.13 -27.04
C PHE A 213 18.22 -13.99 -27.49
N GLU A 214 19.43 -13.55 -27.15
CA GLU A 214 20.61 -14.33 -27.51
C GLU A 214 21.48 -14.69 -26.30
N VAL A 215 21.78 -15.97 -26.16
CA VAL A 215 22.65 -16.44 -25.09
C VAL A 215 24.07 -16.02 -25.47
N ASP A 216 24.79 -15.35 -24.58
CA ASP A 216 26.14 -14.93 -24.94
C ASP A 216 26.89 -16.12 -25.52
N PRO A 217 27.47 -15.93 -26.71
CA PRO A 217 28.23 -16.98 -27.39
C PRO A 217 29.31 -17.63 -26.54
N HIS A 218 30.05 -16.82 -25.79
CA HIS A 218 31.13 -17.31 -24.96
C HIS A 218 30.64 -18.15 -23.80
N PHE A 219 29.33 -18.19 -23.59
CA PHE A 219 28.76 -18.99 -22.54
C PHE A 219 28.19 -20.26 -23.16
N GLY A 220 27.66 -20.13 -24.38
CA GLY A 220 27.08 -21.25 -25.09
C GLY A 220 26.01 -20.89 -26.10
N ASP A 221 25.06 -21.79 -26.33
CA ASP A 221 23.96 -21.54 -27.26
C ASP A 221 22.62 -22.00 -26.68
N LYS A 222 21.51 -21.60 -27.31
CA LYS A 222 20.19 -22.02 -26.83
C LYS A 222 20.25 -23.49 -26.43
N GLU A 223 20.71 -24.32 -27.37
CA GLU A 223 20.81 -25.76 -27.13
C GLU A 223 21.51 -26.11 -25.82
N THR A 224 22.65 -25.47 -25.57
CA THR A 224 23.39 -25.73 -24.35
C THR A 224 22.62 -25.31 -23.10
N LEU A 225 21.80 -24.28 -23.22
CA LEU A 225 21.04 -23.83 -22.07
C LEU A 225 20.00 -24.86 -21.71
N LYS A 226 19.31 -25.41 -22.72
CA LYS A 226 18.29 -26.42 -22.48
C LYS A 226 18.85 -27.54 -21.64
N THR A 227 19.91 -28.17 -22.15
CA THR A 227 20.59 -29.27 -21.50
C THR A 227 21.00 -28.92 -20.07
N LEU A 228 21.46 -27.69 -19.86
CA LEU A 228 21.82 -27.32 -18.50
C LEU A 228 20.57 -27.36 -17.66
N ILE A 229 19.49 -26.79 -18.18
CA ILE A 229 18.25 -26.77 -17.44
C ILE A 229 17.60 -28.13 -17.33
N ASP A 230 17.55 -28.88 -18.44
CA ASP A 230 16.95 -30.21 -18.42
C ASP A 230 17.75 -31.13 -17.51
N ARG A 231 19.06 -30.98 -17.53
CA ARG A 231 19.89 -31.82 -16.69
C ARG A 231 19.67 -31.43 -15.24
N CYS A 232 19.45 -30.14 -15.03
CA CYS A 232 19.21 -29.61 -13.69
C CYS A 232 17.90 -30.12 -13.13
N HIS A 233 16.90 -30.23 -14.01
CA HIS A 233 15.61 -30.69 -13.57
C HIS A 233 15.62 -32.12 -13.07
N GLU A 234 16.37 -32.99 -13.75
CA GLU A 234 16.42 -34.38 -13.35
C GLU A 234 17.23 -34.62 -12.09
N LYS A 235 18.09 -33.66 -11.76
CA LYS A 235 18.88 -33.76 -10.55
C LYS A 235 18.09 -32.99 -9.51
N GLY A 236 16.83 -32.71 -9.83
CA GLY A 236 15.96 -32.00 -8.91
C GLY A 236 16.39 -30.60 -8.47
N ILE A 237 16.93 -29.81 -9.41
CA ILE A 237 17.38 -28.44 -9.12
C ILE A 237 16.62 -27.42 -9.97
N ARG A 238 16.17 -26.33 -9.35
CA ARG A 238 15.43 -25.29 -10.09
C ARG A 238 16.41 -24.28 -10.69
N VAL A 239 16.06 -23.72 -11.84
CA VAL A 239 16.94 -22.76 -12.47
C VAL A 239 16.29 -21.37 -12.59
N MET A 240 17.02 -20.36 -12.12
CA MET A 240 16.57 -18.96 -12.16
C MET A 240 17.56 -18.06 -12.87
N LEU A 241 17.07 -17.39 -13.91
CA LEU A 241 17.86 -16.47 -14.72
C LEU A 241 17.70 -15.03 -14.23
N ASP A 242 18.73 -14.23 -14.44
CA ASP A 242 18.74 -12.82 -14.03
C ASP A 242 18.37 -11.97 -15.23
N ALA A 243 17.27 -11.22 -15.14
CA ALA A 243 16.85 -10.36 -16.24
C ALA A 243 17.07 -8.88 -15.92
N VAL A 244 17.82 -8.18 -16.76
CA VAL A 244 18.06 -6.75 -16.55
C VAL A 244 17.14 -5.94 -17.45
N PHE A 245 16.01 -5.54 -16.91
CA PHE A 245 15.04 -4.76 -17.67
C PHE A 245 15.08 -3.28 -17.39
N ASN A 246 15.71 -2.88 -16.29
CA ASN A 246 15.78 -1.45 -15.95
C ASN A 246 16.60 -0.70 -16.96
N HIS A 247 17.68 -1.31 -17.40
CA HIS A 247 18.52 -0.65 -18.38
C HIS A 247 19.09 -1.64 -19.38
N CYS A 248 19.51 -1.12 -20.52
CA CYS A 248 20.11 -1.93 -21.58
C CYS A 248 21.58 -1.53 -21.68
N GLY A 249 22.24 -2.03 -22.72
CA GLY A 249 23.65 -1.72 -22.93
C GLY A 249 23.85 -0.86 -24.16
N TYR A 250 24.91 -0.06 -24.15
CA TYR A 250 25.26 0.83 -25.25
C TYR A 250 25.23 0.10 -26.58
N GLU A 251 25.37 -1.22 -26.52
CA GLU A 251 25.38 -2.02 -27.74
C GLU A 251 24.01 -2.56 -28.15
N PHE A 252 23.01 -2.32 -27.31
CA PHE A 252 21.63 -2.73 -27.58
C PHE A 252 21.19 -2.03 -28.87
N ALA A 253 20.88 -2.83 -29.89
CA ALA A 253 20.45 -2.32 -31.20
C ALA A 253 19.57 -1.07 -31.20
N PRO A 254 18.45 -1.10 -30.47
CA PRO A 254 17.56 0.07 -30.43
C PRO A 254 18.26 1.36 -30.04
N PHE A 255 19.16 1.28 -29.08
CA PHE A 255 19.88 2.47 -28.60
C PHE A 255 20.86 2.97 -29.65
N GLN A 256 21.63 2.04 -30.23
CA GLN A 256 22.59 2.42 -31.23
C GLN A 256 21.88 3.28 -32.26
N ASP A 257 20.68 2.84 -32.63
CA ASP A 257 19.86 3.56 -33.61
C ASP A 257 19.53 4.98 -33.21
N VAL A 258 19.12 5.16 -31.98
CA VAL A 258 18.80 6.49 -31.50
C VAL A 258 20.08 7.30 -31.54
N TRP A 259 21.19 6.61 -31.33
CA TRP A 259 22.47 7.28 -31.33
C TRP A 259 22.90 7.70 -32.71
N LYS A 260 22.10 7.39 -33.73
CA LYS A 260 22.44 7.79 -35.09
C LYS A 260 21.41 8.73 -35.72
N ASN A 261 20.14 8.47 -35.44
CA ASN A 261 19.06 9.28 -36.02
C ASN A 261 18.32 10.14 -34.99
N GLY A 262 18.98 10.47 -33.89
CA GLY A 262 18.37 11.31 -32.89
C GLY A 262 16.84 11.28 -32.79
N GLU A 263 16.25 12.47 -32.71
CA GLU A 263 14.79 12.62 -32.57
C GLU A 263 13.94 11.91 -33.62
N SER A 264 14.53 11.57 -34.77
CA SER A 264 13.77 10.90 -35.81
C SER A 264 13.82 9.41 -35.59
N SER A 265 14.71 8.96 -34.72
CA SER A 265 14.82 7.54 -34.48
C SER A 265 13.50 6.90 -34.15
N LYS A 266 13.24 5.78 -34.81
CA LYS A 266 12.03 5.03 -34.60
C LYS A 266 12.07 4.41 -33.20
N TYR A 267 13.16 4.65 -32.49
CA TYR A 267 13.34 4.10 -31.16
C TYR A 267 13.71 5.08 -30.04
N LYS A 268 13.67 6.37 -30.34
CA LYS A 268 14.00 7.37 -29.33
C LYS A 268 13.10 7.29 -28.09
N ASP A 269 11.98 6.58 -28.19
CA ASP A 269 11.05 6.46 -27.07
C ASP A 269 11.24 5.20 -26.23
N TRP A 270 12.31 4.47 -26.45
CA TRP A 270 12.60 3.26 -25.67
C TRP A 270 13.57 3.61 -24.56
N PHE A 271 13.89 4.90 -24.47
CA PHE A 271 14.83 5.38 -23.47
C PHE A 271 14.33 6.71 -22.90
N HIS A 272 14.99 7.18 -21.85
CA HIS A 272 14.63 8.45 -21.22
C HIS A 272 15.54 9.54 -21.66
N ILE A 273 15.37 9.99 -22.90
CA ILE A 273 16.22 11.02 -23.44
C ILE A 273 15.69 12.42 -23.13
N HIS A 274 16.61 13.30 -22.72
CA HIS A 274 16.23 14.67 -22.37
C HIS A 274 16.44 15.72 -23.47
N GLU A 275 17.46 15.53 -24.29
CA GLU A 275 17.71 16.45 -25.39
C GLU A 275 18.36 15.67 -26.51
N PHE A 276 18.11 16.10 -27.75
CA PHE A 276 18.70 15.46 -28.92
C PHE A 276 19.68 16.41 -29.56
N PRO A 277 20.79 15.88 -30.11
CA PRO A 277 21.12 14.45 -30.14
C PRO A 277 21.74 13.97 -28.82
N LEU A 278 21.73 12.66 -28.63
CA LEU A 278 22.30 12.05 -27.44
C LEU A 278 23.71 12.54 -27.17
N GLN A 279 24.08 12.55 -25.90
CA GLN A 279 25.40 12.99 -25.45
C GLN A 279 25.79 12.32 -24.15
N THR A 280 27.09 12.11 -23.96
CA THR A 280 27.62 11.46 -22.77
C THR A 280 28.58 12.43 -22.04
N GLU A 281 28.94 13.51 -22.73
CA GLU A 281 29.82 14.54 -22.18
C GLU A 281 29.10 15.88 -22.24
N PRO A 282 29.23 16.71 -21.20
CA PRO A 282 30.01 16.46 -19.98
C PRO A 282 29.46 15.26 -19.22
N ARG A 283 28.15 15.03 -19.38
CA ARG A 283 27.48 13.89 -18.75
C ARG A 283 26.32 13.48 -19.66
N PRO A 284 25.92 12.21 -19.61
CA PRO A 284 24.81 11.75 -20.46
C PRO A 284 23.55 12.57 -20.32
N ASN A 285 22.99 12.99 -21.45
CA ASN A 285 21.76 13.76 -21.45
C ASN A 285 20.58 12.80 -21.41
N TYR A 286 20.83 11.56 -21.08
CA TYR A 286 19.76 10.57 -21.01
C TYR A 286 19.88 9.79 -19.72
N ASP A 287 18.74 9.36 -19.17
CA ASP A 287 18.75 8.60 -17.93
C ASP A 287 19.44 7.26 -18.08
N THR A 288 20.33 6.94 -17.14
CA THR A 288 21.08 5.69 -17.17
C THR A 288 21.08 4.94 -15.84
N PHE A 289 21.70 3.77 -15.80
CA PHE A 289 21.77 3.09 -14.53
C PHE A 289 22.76 3.97 -13.77
N ALA A 290 22.39 4.44 -12.58
CA ALA A 290 23.27 5.31 -11.80
C ALA A 290 23.74 6.40 -12.77
N PHE A 291 25.04 6.64 -12.84
CA PHE A 291 25.54 7.64 -13.77
C PHE A 291 26.46 7.01 -14.82
N VAL A 292 26.15 5.76 -15.15
CA VAL A 292 26.88 4.96 -16.12
C VAL A 292 26.33 5.15 -17.54
N PRO A 293 27.10 5.84 -18.39
CA PRO A 293 26.72 6.11 -19.79
C PRO A 293 26.41 4.86 -20.56
N GLN A 294 27.24 3.84 -20.36
CA GLN A 294 27.10 2.56 -21.04
C GLN A 294 25.76 1.87 -20.78
N MET A 295 25.05 2.29 -19.74
CA MET A 295 23.75 1.68 -19.40
C MET A 295 22.53 2.61 -19.50
N PRO A 296 21.90 2.67 -20.67
CA PRO A 296 20.70 3.51 -20.92
C PRO A 296 19.48 2.90 -20.23
N LYS A 297 18.67 3.74 -19.61
CA LYS A 297 17.47 3.26 -18.90
C LYS A 297 16.37 3.01 -19.89
N LEU A 298 15.75 1.84 -19.81
CA LEU A 298 14.68 1.53 -20.72
C LEU A 298 13.44 2.19 -20.18
N ASN A 299 12.57 2.60 -21.09
CA ASN A 299 11.31 3.27 -20.74
C ASN A 299 10.19 2.27 -20.85
N THR A 300 9.95 1.56 -19.75
CA THR A 300 8.93 0.53 -19.70
C THR A 300 7.50 1.02 -19.66
N ALA A 301 7.30 2.27 -20.06
CA ALA A 301 5.97 2.83 -20.14
C ALA A 301 5.64 2.81 -21.63
N ASN A 302 6.70 2.80 -22.44
CA ASN A 302 6.53 2.74 -23.88
C ASN A 302 5.90 1.39 -24.13
N PRO A 303 4.87 1.34 -25.00
CA PRO A 303 4.14 0.11 -25.36
C PRO A 303 5.01 -0.91 -26.08
N GLU A 304 5.94 -0.43 -26.87
CA GLU A 304 6.80 -1.35 -27.59
C GLU A 304 7.79 -1.94 -26.60
N VAL A 305 8.42 -1.11 -25.77
CA VAL A 305 9.37 -1.66 -24.83
C VAL A 305 8.65 -2.69 -23.97
N LYS A 306 7.52 -2.27 -23.42
CA LYS A 306 6.71 -3.11 -22.57
C LYS A 306 6.43 -4.47 -23.20
N ARG A 307 5.87 -4.45 -24.40
CA ARG A 307 5.57 -5.71 -25.06
C ARG A 307 6.84 -6.52 -25.23
N TYR A 308 7.94 -5.83 -25.51
CA TYR A 308 9.22 -6.50 -25.72
C TYR A 308 9.75 -7.22 -24.51
N LEU A 309 9.83 -6.51 -23.39
CA LEU A 309 10.35 -7.13 -22.19
C LEU A 309 9.46 -8.25 -21.71
N LEU A 310 8.16 -8.15 -22.00
CA LEU A 310 7.25 -9.20 -21.58
C LEU A 310 7.50 -10.46 -22.40
N ASP A 311 7.81 -10.28 -23.68
CA ASP A 311 8.07 -11.43 -24.53
C ASP A 311 9.37 -12.07 -24.12
N VAL A 312 10.32 -11.23 -23.72
CA VAL A 312 11.60 -11.76 -23.30
C VAL A 312 11.35 -12.59 -22.08
N ALA A 313 10.48 -12.08 -21.22
CA ALA A 313 10.13 -12.77 -19.98
C ALA A 313 9.52 -14.13 -20.20
N THR A 314 8.54 -14.19 -21.09
CA THR A 314 7.87 -15.45 -21.36
C THR A 314 8.57 -16.29 -22.41
N TYR A 315 9.53 -15.71 -23.13
CA TYR A 315 10.22 -16.50 -24.12
C TYR A 315 11.02 -17.61 -23.47
N TRP A 316 12.03 -17.22 -22.70
CA TRP A 316 12.86 -18.21 -22.03
C TRP A 316 12.03 -19.18 -21.20
N ILE A 317 11.04 -18.67 -20.48
CA ILE A 317 10.21 -19.56 -19.68
C ILE A 317 9.60 -20.59 -20.62
N ARG A 318 8.79 -20.09 -21.56
CA ARG A 318 8.10 -20.91 -22.52
C ARG A 318 8.93 -21.93 -23.29
N GLU A 319 10.13 -21.55 -23.73
CA GLU A 319 10.96 -22.47 -24.50
C GLU A 319 12.04 -23.22 -23.71
N PHE A 320 12.43 -22.69 -22.57
CA PHE A 320 13.45 -23.38 -21.77
C PHE A 320 13.00 -23.86 -20.40
N ASP A 321 11.72 -23.65 -20.10
CA ASP A 321 11.12 -24.06 -18.84
C ASP A 321 11.92 -23.65 -17.61
N ILE A 322 12.33 -22.38 -17.55
CA ILE A 322 13.09 -21.90 -16.41
C ILE A 322 12.18 -21.75 -15.19
N ASP A 323 12.75 -21.86 -13.99
CA ASP A 323 11.96 -21.80 -12.79
C ASP A 323 11.80 -20.48 -12.05
N GLY A 324 12.20 -19.36 -12.67
CA GLY A 324 12.05 -18.10 -11.98
C GLY A 324 12.96 -17.00 -12.49
N TRP A 325 12.52 -15.75 -12.37
CA TRP A 325 13.31 -14.61 -12.81
C TRP A 325 13.76 -13.73 -11.64
N ARG A 326 15.05 -13.42 -11.62
CA ARG A 326 15.59 -12.55 -10.58
C ARG A 326 15.70 -11.22 -11.31
N LEU A 327 14.70 -10.36 -11.13
CA LEU A 327 14.64 -9.07 -11.79
C LEU A 327 15.44 -7.98 -11.14
N ASP A 328 16.51 -7.64 -11.86
CA ASP A 328 17.49 -6.66 -11.48
C ASP A 328 16.97 -5.24 -11.38
N VAL A 329 17.36 -4.55 -10.30
CA VAL A 329 16.97 -3.16 -10.09
C VAL A 329 15.49 -2.95 -10.34
N ALA A 330 14.66 -3.80 -9.75
CA ALA A 330 13.20 -3.77 -9.95
C ALA A 330 12.49 -2.58 -9.36
N ASN A 331 13.07 -1.99 -8.33
CA ASN A 331 12.43 -0.85 -7.71
C ASN A 331 12.43 0.40 -8.58
N GLU A 332 13.18 0.38 -9.68
CA GLU A 332 13.25 1.55 -10.56
C GLU A 332 12.36 1.42 -11.77
N ILE A 333 11.64 0.31 -11.85
CA ILE A 333 10.71 0.06 -12.95
C ILE A 333 9.31 0.37 -12.39
N ASP A 334 8.43 0.95 -13.20
CA ASP A 334 7.10 1.30 -12.70
C ASP A 334 6.24 0.12 -12.25
N HIS A 335 5.35 0.40 -11.30
CA HIS A 335 4.48 -0.63 -10.76
C HIS A 335 3.59 -1.21 -11.83
N GLU A 336 2.91 -0.36 -12.59
CA GLU A 336 2.05 -0.83 -13.65
C GLU A 336 2.73 -1.93 -14.46
N PHE A 337 3.98 -1.69 -14.87
CA PHE A 337 4.67 -2.72 -15.64
C PHE A 337 4.80 -4.04 -14.89
N TRP A 338 5.28 -4.01 -13.65
CA TRP A 338 5.43 -5.25 -12.92
C TRP A 338 4.09 -5.99 -12.85
N ARG A 339 3.00 -5.25 -12.77
CA ARG A 339 1.70 -5.89 -12.71
C ARG A 339 1.43 -6.72 -13.95
N GLU A 340 1.89 -6.25 -15.11
CA GLU A 340 1.71 -7.02 -16.33
C GLU A 340 2.69 -8.19 -16.27
N PHE A 341 3.91 -7.87 -15.86
CA PHE A 341 4.94 -8.88 -15.75
C PHE A 341 4.39 -10.12 -15.05
N ARG A 342 3.79 -9.94 -13.89
CA ARG A 342 3.25 -11.08 -13.16
C ARG A 342 2.10 -11.76 -13.89
N GLN A 343 1.16 -10.94 -14.37
CA GLN A 343 0.01 -11.47 -15.09
C GLN A 343 0.54 -12.37 -16.18
N GLU A 344 1.38 -11.83 -17.04
CA GLU A 344 1.92 -12.63 -18.13
C GLU A 344 2.57 -13.89 -17.60
N VAL A 345 3.69 -13.71 -16.92
CA VAL A 345 4.47 -14.82 -16.37
C VAL A 345 3.63 -15.93 -15.74
N LYS A 346 2.83 -15.57 -14.76
CA LYS A 346 2.01 -16.53 -14.04
C LYS A 346 1.00 -17.30 -14.89
N ALA A 347 0.45 -16.65 -15.90
CA ALA A 347 -0.52 -17.31 -16.77
C ALA A 347 0.20 -18.43 -17.50
N LEU A 348 1.49 -18.21 -17.75
CA LEU A 348 2.32 -19.16 -18.47
C LEU A 348 2.80 -20.32 -17.61
N LYS A 349 3.48 -19.99 -16.52
CA LYS A 349 3.99 -21.02 -15.63
C LYS A 349 3.83 -20.51 -14.22
N PRO A 350 2.64 -20.72 -13.65
CA PRO A 350 2.28 -20.30 -12.29
C PRO A 350 3.34 -20.40 -11.22
N ASP A 351 4.05 -21.52 -11.15
CA ASP A 351 5.04 -21.66 -10.09
C ASP A 351 6.41 -21.03 -10.34
N VAL A 352 6.45 -20.07 -11.25
CA VAL A 352 7.69 -19.37 -11.55
C VAL A 352 7.99 -18.41 -10.39
N TYR A 353 9.17 -18.51 -9.81
CA TYR A 353 9.55 -17.64 -8.70
C TYR A 353 9.91 -16.26 -9.25
N ILE A 354 9.15 -15.22 -8.89
CA ILE A 354 9.44 -13.88 -9.38
C ILE A 354 10.13 -13.04 -8.30
N LEU A 355 11.45 -13.07 -8.31
CA LEU A 355 12.28 -12.37 -7.33
C LEU A 355 12.77 -11.00 -7.81
N GLY A 356 12.62 -10.00 -6.95
CA GLY A 356 13.05 -8.66 -7.32
C GLY A 356 14.17 -8.11 -6.45
N GLN A 357 15.14 -7.46 -7.08
CA GLN A 357 16.25 -6.90 -6.33
C GLN A 357 15.91 -5.52 -5.83
N ILE A 358 15.50 -5.43 -4.58
CA ILE A 358 15.18 -4.14 -3.99
C ILE A 358 15.97 -4.01 -2.70
N TRP A 359 16.86 -3.01 -2.66
CA TRP A 359 17.72 -2.76 -1.51
C TRP A 359 17.07 -1.86 -0.47
N HIS A 360 15.88 -2.22 0.02
CA HIS A 360 15.18 -1.41 1.01
C HIS A 360 13.75 -1.85 1.14
N ASP A 361 13.09 -1.41 2.22
CA ASP A 361 11.70 -1.77 2.48
C ASP A 361 10.97 -1.88 1.16
N ALA A 362 10.41 -3.04 0.88
CA ALA A 362 9.72 -3.24 -0.40
C ALA A 362 8.23 -3.56 -0.31
N MET A 363 7.61 -3.29 0.84
CA MET A 363 6.19 -3.57 0.99
C MET A 363 5.36 -3.31 -0.29
N PRO A 364 5.57 -2.15 -0.95
CA PRO A 364 4.84 -1.80 -2.18
C PRO A 364 4.91 -2.79 -3.33
N TRP A 365 6.02 -3.52 -3.43
CA TRP A 365 6.18 -4.50 -4.51
C TRP A 365 5.83 -5.89 -4.04
N LEU A 366 5.20 -6.01 -2.88
CA LEU A 366 4.90 -7.34 -2.36
C LEU A 366 3.47 -7.53 -1.86
N ARG A 367 2.52 -7.01 -2.63
CA ARG A 367 1.10 -7.09 -2.30
C ARG A 367 0.39 -8.26 -3.01
N GLY A 368 1.17 -9.05 -3.75
CA GLY A 368 0.61 -10.16 -4.47
C GLY A 368 0.28 -9.83 -5.92
N ASP A 369 0.39 -8.55 -6.29
CA ASP A 369 0.11 -8.19 -7.67
C ASP A 369 1.40 -7.89 -8.43
N GLN A 370 2.54 -8.20 -7.82
CA GLN A 370 3.81 -7.94 -8.48
C GLN A 370 4.88 -8.99 -8.18
N PHE A 371 5.77 -8.72 -7.22
CA PHE A 371 6.82 -9.67 -6.91
C PHE A 371 6.47 -10.73 -5.85
N ASP A 372 7.06 -11.92 -5.99
CA ASP A 372 6.85 -13.01 -5.04
C ASP A 372 7.78 -12.76 -3.88
N ALA A 373 8.97 -12.28 -4.18
CA ALA A 373 9.94 -12.03 -3.13
C ALA A 373 11.06 -11.09 -3.56
N VAL A 374 11.79 -10.56 -2.58
CA VAL A 374 12.92 -9.66 -2.81
C VAL A 374 14.13 -10.10 -1.99
N MET A 375 15.31 -9.60 -2.35
CA MET A 375 16.53 -9.91 -1.61
C MET A 375 16.30 -9.34 -0.23
N ASN A 376 16.50 -10.14 0.79
CA ASN A 376 16.29 -9.68 2.14
C ASN A 376 17.55 -9.04 2.72
N TYR A 377 17.96 -7.91 2.13
CA TYR A 377 19.15 -7.19 2.56
C TYR A 377 19.20 -6.89 4.05
N PRO A 378 18.07 -6.50 4.66
CA PRO A 378 18.12 -6.22 6.11
C PRO A 378 18.70 -7.42 6.86
N PHE A 379 18.31 -8.61 6.42
CA PHE A 379 18.78 -9.86 6.98
C PHE A 379 20.30 -9.84 6.91
N THR A 380 20.81 -9.81 5.70
CA THR A 380 22.25 -9.78 5.52
C THR A 380 22.94 -8.74 6.40
N ASP A 381 22.41 -7.52 6.42
CA ASP A 381 23.03 -6.46 7.22
C ASP A 381 23.18 -6.86 8.66
N GLY A 382 22.09 -7.30 9.27
CA GLY A 382 22.13 -7.70 10.66
C GLY A 382 23.07 -8.86 10.89
N VAL A 383 22.88 -9.90 10.10
CA VAL A 383 23.70 -11.09 10.20
C VAL A 383 25.20 -10.80 10.17
N LEU A 384 25.63 -9.88 9.33
CA LEU A 384 27.04 -9.60 9.24
C LEU A 384 27.49 -8.69 10.36
N ARG A 385 26.71 -7.65 10.66
CA ARG A 385 27.07 -6.70 11.70
C ARG A 385 27.24 -7.37 13.07
N PHE A 386 26.67 -8.56 13.22
CA PHE A 386 26.74 -9.28 14.49
C PHE A 386 27.67 -10.50 14.51
N PHE A 387 27.51 -11.41 13.56
CA PHE A 387 28.32 -12.60 13.49
C PHE A 387 29.68 -12.39 12.87
N ALA A 388 29.76 -11.52 11.87
CA ALA A 388 31.04 -11.26 11.18
C ALA A 388 31.83 -10.06 11.72
N LYS A 389 31.21 -8.88 11.70
CA LYS A 389 31.87 -7.68 12.18
C LYS A 389 31.89 -7.49 13.68
N GLU A 390 30.93 -8.09 14.37
CA GLU A 390 30.81 -7.98 15.84
C GLU A 390 30.69 -6.50 16.25
N GLU A 391 29.84 -5.76 15.57
CA GLU A 391 29.65 -4.35 15.89
C GLU A 391 28.47 -4.20 16.86
N ILE A 392 27.34 -4.76 16.47
CA ILE A 392 26.14 -4.70 17.28
C ILE A 392 26.15 -5.85 18.29
N SER A 393 25.26 -5.79 19.26
CA SER A 393 25.20 -6.82 20.27
C SER A 393 24.20 -7.86 19.84
N ALA A 394 23.99 -8.85 20.69
CA ALA A 394 23.03 -9.90 20.39
C ALA A 394 21.65 -9.25 20.44
N ARG A 395 21.37 -8.50 21.50
CA ARG A 395 20.08 -7.81 21.67
C ARG A 395 19.75 -6.96 20.45
N GLN A 396 20.77 -6.28 19.93
CA GLN A 396 20.57 -5.44 18.78
C GLN A 396 20.25 -6.31 17.59
N PHE A 397 21.06 -7.35 17.35
CA PHE A 397 20.80 -8.24 16.21
C PHE A 397 19.40 -8.78 16.29
N ALA A 398 18.97 -9.07 17.50
CA ALA A 398 17.64 -9.61 17.73
C ALA A 398 16.60 -8.62 17.24
N ASN A 399 16.67 -7.40 17.77
CA ASN A 399 15.71 -6.37 17.38
C ASN A 399 15.69 -6.15 15.88
N GLN A 400 16.88 -6.04 15.29
CA GLN A 400 17.01 -5.81 13.87
C GLN A 400 16.33 -6.95 13.15
N MET A 401 16.49 -8.15 13.67
CA MET A 401 15.87 -9.30 13.04
C MET A 401 14.36 -9.22 13.09
N MET A 402 13.81 -8.89 14.26
CA MET A 402 12.36 -8.80 14.41
C MET A 402 11.83 -7.60 13.64
N HIS A 403 12.59 -6.50 13.67
CA HIS A 403 12.14 -5.31 12.99
C HIS A 403 11.76 -5.62 11.56
N VAL A 404 12.66 -6.27 10.82
CA VAL A 404 12.38 -6.59 9.42
C VAL A 404 11.21 -7.55 9.28
N LEU A 405 11.29 -8.67 9.98
CA LEU A 405 10.26 -9.68 9.92
C LEU A 405 8.87 -9.13 10.15
N HIS A 406 8.75 -8.23 11.11
CA HIS A 406 7.45 -7.67 11.41
C HIS A 406 6.98 -6.60 10.44
N SER A 407 7.84 -6.22 9.50
CA SER A 407 7.50 -5.19 8.52
C SER A 407 6.85 -5.81 7.29
N TYR A 408 6.66 -7.12 7.34
CA TYR A 408 6.07 -7.86 6.22
C TYR A 408 5.13 -8.93 6.76
N PRO A 409 4.22 -9.44 5.89
CA PRO A 409 3.24 -10.49 6.19
C PRO A 409 3.92 -11.86 6.28
N ASN A 410 3.57 -12.64 7.30
CA ASN A 410 4.15 -13.96 7.51
C ASN A 410 4.27 -14.74 6.20
N ASN A 411 3.28 -14.64 5.33
CA ASN A 411 3.34 -15.37 4.09
C ASN A 411 4.31 -14.75 3.09
N VAL A 412 4.72 -13.51 3.33
CA VAL A 412 5.69 -12.86 2.44
C VAL A 412 7.06 -13.28 2.95
N ASN A 413 7.27 -13.14 4.26
CA ASN A 413 8.54 -13.53 4.89
C ASN A 413 8.82 -15.00 4.56
N GLU A 414 7.77 -15.77 4.35
CA GLU A 414 7.95 -17.19 4.04
C GLU A 414 8.69 -17.48 2.77
N ALA A 415 8.78 -16.50 1.87
CA ALA A 415 9.47 -16.72 0.61
C ALA A 415 10.66 -15.78 0.39
N ALA A 416 11.16 -15.17 1.46
CA ALA A 416 12.29 -14.24 1.36
C ALA A 416 13.56 -14.89 0.83
N PHE A 417 14.25 -14.20 -0.05
CA PHE A 417 15.50 -14.71 -0.62
C PHE A 417 16.64 -14.31 0.32
N ASN A 418 16.93 -15.13 1.34
CA ASN A 418 17.98 -14.78 2.31
C ASN A 418 19.43 -15.09 1.93
N LEU A 419 20.19 -14.09 1.51
CA LEU A 419 21.58 -14.35 1.14
C LEU A 419 22.56 -13.60 2.06
N LEU A 420 23.78 -14.12 2.15
CA LEU A 420 24.83 -13.53 2.99
C LEU A 420 25.82 -12.71 2.17
N GLY A 421 25.86 -12.96 0.87
CA GLY A 421 26.79 -12.26 0.01
C GLY A 421 26.55 -12.51 -1.47
N SER A 422 26.97 -11.56 -2.30
CA SER A 422 26.78 -11.65 -3.74
C SER A 422 28.03 -11.23 -4.49
N HIS A 423 27.89 -11.22 -5.82
CA HIS A 423 28.96 -10.83 -6.72
C HIS A 423 29.17 -9.33 -6.59
N ASP A 424 28.37 -8.70 -5.74
CA ASP A 424 28.44 -7.25 -5.50
C ASP A 424 29.09 -6.90 -4.15
N THR A 425 28.89 -7.77 -3.16
CA THR A 425 29.45 -7.58 -1.81
C THR A 425 30.80 -8.26 -1.76
N SER A 426 31.53 -8.03 -0.67
CA SER A 426 32.81 -8.67 -0.49
C SER A 426 32.55 -10.14 -0.22
N ARG A 427 33.52 -10.83 0.34
CA ARG A 427 33.36 -12.24 0.63
C ARG A 427 33.08 -12.35 2.11
N ILE A 428 32.18 -13.25 2.48
CA ILE A 428 31.86 -13.41 3.90
C ILE A 428 33.06 -13.75 4.78
N LEU A 429 34.01 -14.51 4.25
CA LEU A 429 35.20 -14.88 5.03
C LEU A 429 36.08 -13.66 5.20
N THR A 430 36.17 -12.86 4.14
CA THR A 430 36.97 -11.66 4.14
C THR A 430 36.38 -10.61 5.05
N VAL A 431 35.07 -10.71 5.29
CA VAL A 431 34.37 -9.78 6.16
C VAL A 431 34.55 -10.26 7.60
N CYS A 432 34.70 -11.57 7.77
CA CYS A 432 34.92 -12.17 9.08
C CYS A 432 36.39 -11.98 9.39
N GLY A 433 37.10 -11.38 8.45
CA GLY A 433 38.52 -11.15 8.63
C GLY A 433 39.34 -12.42 8.70
N GLY A 434 38.91 -13.43 7.95
CA GLY A 434 39.63 -14.69 7.93
C GLY A 434 39.12 -15.76 8.87
N ASP A 435 38.51 -15.35 9.98
CA ASP A 435 37.99 -16.31 10.98
C ASP A 435 36.96 -17.26 10.36
N ILE A 436 37.33 -18.52 10.19
CA ILE A 436 36.42 -19.51 9.62
C ILE A 436 35.29 -19.76 10.62
N ARG A 437 35.58 -19.54 11.91
CA ARG A 437 34.58 -19.75 12.93
C ARG A 437 33.38 -18.85 12.75
N LYS A 438 33.62 -17.55 12.56
CA LYS A 438 32.53 -16.59 12.37
C LYS A 438 31.67 -16.95 11.17
N VAL A 439 32.32 -17.09 10.02
CA VAL A 439 31.65 -17.44 8.78
C VAL A 439 30.75 -18.63 9.07
N LYS A 440 31.31 -19.61 9.77
CA LYS A 440 30.59 -20.82 10.09
C LYS A 440 29.31 -20.54 10.88
N LEU A 441 29.30 -19.44 11.62
CA LEU A 441 28.12 -19.07 12.39
C LEU A 441 27.10 -18.42 11.45
N LEU A 442 27.57 -17.87 10.33
CA LEU A 442 26.69 -17.24 9.36
C LEU A 442 25.86 -18.31 8.67
N PHE A 443 26.52 -19.33 8.11
CA PHE A 443 25.76 -20.38 7.44
C PHE A 443 24.75 -20.94 8.39
N LEU A 444 25.13 -21.00 9.67
CA LEU A 444 24.22 -21.51 10.67
C LEU A 444 22.97 -20.67 10.74
N PHE A 445 23.12 -19.39 11.09
CA PHE A 445 21.96 -18.53 11.20
C PHE A 445 21.17 -18.43 9.90
N GLN A 446 21.86 -18.62 8.79
CA GLN A 446 21.20 -18.52 7.51
C GLN A 446 20.34 -19.73 7.29
N LEU A 447 20.94 -20.89 7.53
CA LEU A 447 20.23 -22.11 7.28
C LEU A 447 19.25 -22.52 8.38
N THR A 448 18.96 -21.61 9.30
CA THR A 448 17.99 -21.92 10.34
C THR A 448 16.94 -20.83 10.34
N PHE A 449 17.05 -19.92 9.39
CA PHE A 449 16.13 -18.79 9.26
C PHE A 449 15.09 -19.14 8.22
N THR A 450 13.88 -18.64 8.41
CA THR A 450 12.83 -18.94 7.47
C THR A 450 13.03 -18.28 6.10
N GLY A 451 12.49 -18.92 5.06
CA GLY A 451 12.59 -18.37 3.72
C GLY A 451 13.35 -19.24 2.73
N SER A 452 13.90 -18.58 1.73
CA SER A 452 14.67 -19.27 0.70
C SER A 452 16.10 -18.74 0.67
N PRO A 453 17.03 -19.44 1.33
CA PRO A 453 18.44 -19.07 1.39
C PRO A 453 19.22 -19.33 0.12
N CYS A 454 20.27 -18.57 -0.07
CA CYS A 454 21.11 -18.67 -1.26
C CYS A 454 22.62 -18.63 -0.95
N ILE A 455 23.39 -19.47 -1.62
CA ILE A 455 24.84 -19.52 -1.36
C ILE A 455 25.73 -19.08 -2.53
N TYR A 456 26.54 -18.04 -2.31
CA TYR A 456 27.45 -17.52 -3.33
C TYR A 456 28.53 -18.55 -3.60
N TYR A 457 28.71 -18.85 -4.88
CA TYR A 457 29.69 -19.84 -5.31
C TYR A 457 31.04 -19.65 -4.64
N GLY A 458 31.53 -20.69 -3.98
CA GLY A 458 32.82 -20.59 -3.33
C GLY A 458 32.71 -20.34 -1.86
N ASP A 459 31.65 -19.65 -1.43
CA ASP A 459 31.50 -19.40 -0.02
C ASP A 459 31.55 -20.70 0.76
N GLU A 460 30.97 -21.74 0.22
CA GLU A 460 30.96 -23.03 0.88
C GLU A 460 32.31 -23.71 0.99
N ILE A 461 33.31 -23.23 0.26
CA ILE A 461 34.62 -23.85 0.33
C ILE A 461 35.72 -22.90 0.78
N GLY A 462 35.32 -21.75 1.30
CA GLY A 462 36.27 -20.78 1.81
C GLY A 462 36.95 -19.79 0.88
N MET A 463 36.35 -19.52 -0.27
CA MET A 463 36.93 -18.56 -1.20
C MET A 463 36.94 -17.20 -0.54
N THR A 464 37.92 -16.37 -0.87
CA THR A 464 38.04 -15.06 -0.25
C THR A 464 38.15 -13.89 -1.25
N GLY A 465 38.15 -12.67 -0.73
CA GLY A 465 38.23 -11.52 -1.60
C GLY A 465 37.41 -10.34 -1.11
N GLY A 466 37.75 -9.16 -1.65
CA GLY A 466 37.05 -7.94 -1.30
C GLY A 466 35.90 -7.68 -2.27
N ASN A 467 35.39 -6.46 -2.19
CA ASN A 467 34.25 -6.02 -3.00
C ASN A 467 34.59 -5.92 -4.49
N ASP A 468 33.60 -6.18 -5.34
CA ASP A 468 33.74 -6.14 -6.80
C ASP A 468 34.99 -5.39 -7.21
N PRO A 469 35.83 -5.99 -8.07
CA PRO A 469 35.73 -7.31 -8.72
C PRO A 469 36.32 -8.49 -7.94
N GLU A 470 37.09 -8.16 -6.91
CA GLU A 470 37.77 -9.18 -6.12
C GLU A 470 36.91 -10.35 -5.66
N CYS A 471 35.62 -10.13 -5.48
CA CYS A 471 34.72 -11.20 -5.04
C CYS A 471 34.35 -12.17 -6.15
N ARG A 472 34.73 -11.82 -7.38
CA ARG A 472 34.39 -12.66 -8.52
C ARG A 472 35.56 -13.46 -9.05
N LYS A 473 36.36 -14.01 -8.15
CA LYS A 473 37.51 -14.82 -8.57
C LYS A 473 37.03 -16.09 -9.25
N CYS A 474 38.00 -16.90 -9.68
CA CYS A 474 37.68 -18.17 -10.33
C CYS A 474 37.38 -19.22 -9.29
N MET A 475 36.28 -19.92 -9.48
CA MET A 475 35.90 -20.97 -8.55
C MET A 475 37.09 -21.87 -8.28
N VAL A 476 37.41 -22.06 -7.02
CA VAL A 476 38.53 -22.92 -6.64
C VAL A 476 38.15 -24.38 -6.69
N TRP A 477 38.63 -25.08 -7.71
CA TRP A 477 38.32 -26.49 -7.90
C TRP A 477 39.39 -27.45 -7.39
N ASP A 478 40.54 -26.89 -7.03
CA ASP A 478 41.64 -27.68 -6.50
C ASP A 478 41.25 -28.14 -5.10
N PRO A 479 41.26 -29.46 -4.85
CA PRO A 479 40.89 -29.89 -3.51
C PRO A 479 41.92 -29.50 -2.46
N MET A 480 43.17 -29.31 -2.86
CA MET A 480 44.20 -28.92 -1.91
C MET A 480 44.03 -27.48 -1.40
N GLN A 481 43.29 -26.67 -2.15
CA GLN A 481 43.05 -25.28 -1.77
C GLN A 481 41.68 -24.92 -1.17
N GLN A 482 40.65 -25.68 -1.52
CA GLN A 482 39.32 -25.39 -0.97
C GLN A 482 39.23 -25.86 0.49
N ASN A 483 38.46 -25.13 1.30
CA ASN A 483 38.29 -25.43 2.73
C ASN A 483 37.18 -26.47 2.98
N LYS A 484 37.58 -27.71 3.17
CA LYS A 484 36.64 -28.80 3.39
C LYS A 484 35.91 -28.78 4.73
N GLU A 485 36.40 -27.97 5.67
CA GLU A 485 35.72 -27.90 6.95
C GLU A 485 34.34 -27.26 6.76
N LEU A 486 34.33 -26.09 6.13
CA LEU A 486 33.09 -25.37 5.87
C LEU A 486 32.17 -26.18 4.98
N HIS A 487 32.73 -26.75 3.92
CA HIS A 487 31.95 -27.52 2.99
C HIS A 487 31.06 -28.52 3.69
N GLN A 488 31.66 -29.34 4.54
CA GLN A 488 30.87 -30.35 5.24
C GLN A 488 29.89 -29.68 6.18
N HIS A 489 30.36 -28.64 6.86
CA HIS A 489 29.55 -27.85 7.78
C HIS A 489 28.27 -27.46 7.05
N VAL A 490 28.46 -26.84 5.88
CA VAL A 490 27.35 -26.39 5.07
C VAL A 490 26.50 -27.54 4.56
N LYS A 491 27.15 -28.62 4.13
CA LYS A 491 26.45 -29.79 3.63
C LYS A 491 25.62 -30.39 4.77
N GLN A 492 26.18 -30.32 5.97
CA GLN A 492 25.57 -30.83 7.21
C GLN A 492 24.28 -30.06 7.52
N LEU A 493 24.34 -28.74 7.42
CA LEU A 493 23.20 -27.88 7.73
C LEU A 493 22.05 -27.97 6.73
N ILE A 494 22.37 -27.83 5.45
CA ILE A 494 21.33 -27.91 4.43
C ILE A 494 20.52 -29.17 4.62
N ALA A 495 21.17 -30.20 5.16
CA ALA A 495 20.55 -31.48 5.42
C ALA A 495 19.55 -31.34 6.56
N LEU A 496 19.98 -30.71 7.65
CA LEU A 496 19.07 -30.55 8.78
C LEU A 496 17.93 -29.64 8.37
N ARG A 497 18.24 -28.71 7.49
CA ARG A 497 17.23 -27.77 7.03
C ARG A 497 16.15 -28.54 6.28
N LYS A 498 16.59 -29.50 5.48
CA LYS A 498 15.68 -30.32 4.68
C LYS A 498 14.75 -31.11 5.58
N GLN A 499 15.31 -31.71 6.61
CA GLN A 499 14.49 -32.52 7.49
C GLN A 499 13.74 -31.82 8.61
N TYR A 500 14.15 -30.59 8.95
CA TYR A 500 13.46 -29.91 10.02
C TYR A 500 12.56 -28.72 9.67
N ARG A 501 11.46 -29.05 9.00
CA ARG A 501 10.41 -28.11 8.56
C ARG A 501 10.45 -26.77 9.26
N SER A 502 10.38 -26.80 10.59
CA SER A 502 10.42 -25.60 11.41
C SER A 502 11.59 -24.70 11.07
N LEU A 503 12.62 -25.24 10.46
CA LEU A 503 13.77 -24.44 10.12
C LEU A 503 13.54 -23.58 8.87
N ARG A 504 12.68 -24.03 7.98
CA ARG A 504 12.46 -23.25 6.77
C ARG A 504 11.14 -22.51 6.69
N ARG A 505 10.15 -23.00 7.41
CA ARG A 505 8.85 -22.36 7.37
C ARG A 505 8.34 -21.87 8.71
N GLY A 506 9.10 -22.11 9.77
CA GLY A 506 8.64 -21.70 11.09
C GLY A 506 8.78 -20.27 11.54
N GLU A 507 8.23 -20.03 12.72
CA GLU A 507 8.25 -18.74 13.39
C GLU A 507 9.53 -18.76 14.22
N ILE A 508 10.08 -17.57 14.49
CA ILE A 508 11.32 -17.46 15.24
C ILE A 508 11.15 -16.51 16.41
N SER A 509 11.91 -16.73 17.46
CA SER A 509 11.86 -15.88 18.66
C SER A 509 13.19 -16.02 19.40
N PHE A 510 13.56 -14.97 20.12
CA PHE A 510 14.82 -14.96 20.84
C PHE A 510 14.75 -15.16 22.34
N LEU A 511 15.11 -16.34 22.80
CA LEU A 511 15.11 -16.63 24.23
C LEU A 511 16.14 -15.75 24.91
N HIS A 512 15.63 -14.80 25.69
CA HIS A 512 16.45 -13.86 26.42
C HIS A 512 17.57 -14.59 27.18
N ALA A 513 18.80 -14.31 26.76
CA ALA A 513 19.97 -14.92 27.38
C ALA A 513 20.46 -14.05 28.53
N ASP A 514 21.26 -14.62 29.42
CA ASP A 514 21.79 -13.89 30.57
C ASP A 514 22.71 -12.73 30.14
N ASP A 515 23.79 -13.08 29.46
CA ASP A 515 24.74 -12.11 28.94
C ASP A 515 24.11 -11.62 27.64
N GLU A 516 23.17 -10.69 27.75
CA GLU A 516 22.49 -10.14 26.58
C GLU A 516 23.45 -9.35 25.70
N MET A 517 24.74 -9.63 25.88
CA MET A 517 25.79 -8.97 25.13
C MET A 517 26.50 -9.92 24.14
N ASN A 518 26.75 -11.17 24.54
CA ASN A 518 27.44 -12.10 23.63
C ASN A 518 26.79 -13.43 23.33
N TYR A 519 25.67 -13.74 23.96
CA TYR A 519 25.04 -15.02 23.68
C TYR A 519 23.77 -14.74 22.93
N LEU A 520 23.37 -15.70 22.10
CA LEU A 520 22.14 -15.57 21.33
C LEU A 520 21.45 -16.91 21.41
N ILE A 521 20.22 -16.89 21.94
CA ILE A 521 19.44 -18.11 22.04
C ILE A 521 18.10 -17.86 21.37
N TYR A 522 17.77 -18.68 20.39
CA TYR A 522 16.52 -18.54 19.66
C TYR A 522 15.99 -19.90 19.22
N LYS A 523 14.69 -20.00 19.03
CA LYS A 523 14.13 -21.27 18.61
C LYS A 523 13.24 -21.08 17.40
N LYS A 524 13.04 -22.14 16.65
CA LYS A 524 12.21 -22.12 15.44
C LYS A 524 11.04 -23.04 15.69
N THR A 525 9.83 -22.62 15.32
CA THR A 525 8.65 -23.45 15.52
C THR A 525 7.65 -23.25 14.40
N ASP A 526 7.00 -24.33 13.98
CA ASP A 526 6.00 -24.25 12.91
C ASP A 526 4.66 -24.75 13.41
N GLY A 527 4.53 -24.89 14.73
CA GLY A 527 3.29 -25.39 15.29
C GLY A 527 3.52 -26.74 15.94
N ASP A 528 4.40 -27.54 15.35
CA ASP A 528 4.76 -28.84 15.92
C ASP A 528 6.25 -28.82 16.19
N GLU A 529 7.04 -28.83 15.11
CA GLU A 529 8.50 -28.82 15.21
C GLU A 529 9.03 -27.67 16.06
N THR A 530 10.11 -27.91 16.79
CA THR A 530 10.65 -26.87 17.61
C THR A 530 12.13 -27.07 17.79
N VAL A 531 12.92 -26.28 17.08
CA VAL A 531 14.36 -26.39 17.20
C VAL A 531 14.83 -25.17 17.97
N LEU A 532 15.87 -25.37 18.78
CA LEU A 532 16.45 -24.30 19.58
C LEU A 532 17.91 -24.20 19.21
N VAL A 533 18.42 -22.98 19.09
CA VAL A 533 19.81 -22.77 18.72
C VAL A 533 20.49 -21.87 19.71
N ILE A 534 21.69 -22.23 20.14
CA ILE A 534 22.45 -21.40 21.06
C ILE A 534 23.82 -21.11 20.46
N ILE A 535 24.15 -19.84 20.32
CA ILE A 535 25.42 -19.45 19.73
C ILE A 535 26.22 -18.62 20.69
N ASN A 536 27.52 -18.86 20.70
CA ASN A 536 28.45 -18.14 21.56
C ASN A 536 29.31 -17.18 20.76
N ARG A 537 28.67 -16.10 20.31
CA ARG A 537 29.32 -15.06 19.52
C ARG A 537 30.35 -14.46 20.45
N SER A 538 31.38 -15.24 20.75
CA SER A 538 32.43 -14.82 21.67
C SER A 538 33.70 -15.58 21.35
N ASP A 539 34.84 -14.99 21.70
CA ASP A 539 36.11 -15.63 21.47
C ASP A 539 36.60 -16.36 22.72
N GLN A 540 35.68 -16.66 23.63
CA GLN A 540 36.00 -17.37 24.86
C GLN A 540 35.02 -18.49 25.13
N LYS A 541 35.39 -19.42 26.02
CA LYS A 541 34.53 -20.53 26.38
C LYS A 541 33.43 -19.95 27.27
N ALA A 542 32.19 -20.39 27.06
CA ALA A 542 31.08 -19.87 27.83
C ALA A 542 30.16 -20.92 28.37
N ASP A 543 29.64 -20.68 29.57
CA ASP A 543 28.68 -21.58 30.19
C ASP A 543 27.36 -20.85 30.07
N ILE A 544 26.54 -21.29 29.13
CA ILE A 544 25.27 -20.66 28.83
C ILE A 544 24.06 -21.46 29.28
N PRO A 545 23.22 -20.88 30.13
CA PRO A 545 22.02 -21.56 30.62
C PRO A 545 20.85 -21.55 29.63
N ILE A 546 20.17 -22.68 29.50
CA ILE A 546 19.03 -22.85 28.60
C ILE A 546 17.69 -22.51 29.26
N PRO A 547 17.06 -21.39 28.85
CA PRO A 547 15.78 -20.95 29.40
C PRO A 547 14.59 -21.68 28.78
N LEU A 548 14.23 -22.82 29.37
CA LEU A 548 13.12 -23.62 28.86
C LEU A 548 12.33 -24.28 29.99
N ASP A 549 11.01 -24.29 29.91
CA ASP A 549 10.19 -24.92 30.94
C ASP A 549 10.36 -26.43 30.78
N ALA A 550 10.82 -27.10 31.84
CA ALA A 550 11.11 -28.53 31.79
C ALA A 550 10.08 -29.56 32.29
N ARG A 551 8.79 -29.34 32.07
CA ARG A 551 7.80 -30.34 32.50
C ARG A 551 7.40 -31.15 31.27
N GLY A 552 8.16 -32.21 31.00
CA GLY A 552 7.90 -33.06 29.85
C GLY A 552 8.70 -32.50 28.69
N THR A 553 9.92 -32.10 29.00
CA THR A 553 10.81 -31.51 28.01
C THR A 553 11.96 -32.42 27.64
N TRP A 554 12.12 -32.68 26.34
CA TRP A 554 13.18 -33.54 25.86
C TRP A 554 13.95 -32.86 24.75
N LEU A 555 15.25 -32.66 24.96
CA LEU A 555 16.09 -32.02 23.95
C LEU A 555 16.82 -33.06 23.13
N VAL A 556 17.07 -32.75 21.87
CA VAL A 556 17.78 -33.68 21.00
C VAL A 556 18.83 -32.96 20.17
N ASN A 557 20.10 -33.16 20.55
CA ASN A 557 21.21 -32.54 19.84
C ASN A 557 21.25 -32.98 18.37
N LEU A 558 20.81 -32.08 17.47
CA LEU A 558 20.77 -32.37 16.04
C LEU A 558 22.13 -32.52 15.40
N LEU A 559 23.17 -32.56 16.21
CA LEU A 559 24.52 -32.70 15.69
C LEU A 559 25.14 -34.01 16.13
N THR A 560 25.05 -34.32 17.41
CA THR A 560 25.61 -35.56 17.90
C THR A 560 24.63 -36.71 17.90
N GLY A 561 23.37 -36.39 18.22
CA GLY A 561 22.32 -37.39 18.27
C GLY A 561 21.82 -37.58 19.69
N GLU A 562 22.69 -37.27 20.64
CA GLU A 562 22.40 -37.39 22.07
C GLU A 562 21.02 -36.88 22.40
N ARG A 563 20.37 -37.51 23.38
CA ARG A 563 19.04 -37.11 23.82
C ARG A 563 19.06 -37.04 25.36
N PHE A 564 18.31 -36.10 25.92
CA PHE A 564 18.27 -35.96 27.37
C PHE A 564 17.08 -35.14 27.85
N ALA A 565 16.73 -35.32 29.11
CA ALA A 565 15.59 -34.60 29.67
C ALA A 565 16.01 -33.35 30.45
N ALA A 566 15.11 -32.37 30.49
CA ALA A 566 15.36 -31.12 31.19
C ALA A 566 14.82 -31.23 32.61
N GLU A 567 15.62 -30.87 33.61
CA GLU A 567 15.16 -30.94 34.99
C GLU A 567 14.88 -29.56 35.56
N ALA A 568 14.15 -29.51 36.67
CA ALA A 568 13.78 -28.27 37.36
C ALA A 568 14.78 -27.15 37.10
N GLU A 569 16.06 -27.45 37.30
CA GLU A 569 17.12 -26.48 37.06
C GLU A 569 17.47 -26.62 35.57
N THR A 570 16.97 -25.71 34.76
CA THR A 570 17.22 -25.73 33.31
C THR A 570 18.69 -26.01 32.99
N LEU A 571 18.95 -27.12 32.31
CA LEU A 571 20.32 -27.48 31.96
C LEU A 571 21.10 -26.37 31.27
N CYS A 572 22.35 -26.22 31.70
CA CYS A 572 23.29 -25.22 31.20
C CYS A 572 24.06 -25.83 30.03
N THR A 573 24.51 -25.02 29.08
CA THR A 573 25.28 -25.53 27.95
C THR A 573 26.70 -24.97 27.89
N SER A 574 27.66 -25.86 27.72
CA SER A 574 29.07 -25.48 27.63
C SER A 574 29.46 -25.40 26.15
N LEU A 575 30.02 -24.26 25.75
CA LEU A 575 30.41 -24.13 24.37
C LEU A 575 31.78 -23.47 24.26
N PRO A 576 32.57 -23.88 23.25
CA PRO A 576 33.92 -23.36 22.99
C PRO A 576 33.81 -22.00 22.33
N PRO A 577 34.94 -21.32 22.11
CA PRO A 577 34.79 -20.01 21.47
C PRO A 577 34.07 -20.16 20.12
N TYR A 578 33.07 -19.32 19.90
CA TYR A 578 32.31 -19.37 18.65
C TYR A 578 31.69 -20.75 18.42
N GLY A 579 31.38 -21.45 19.51
CA GLY A 579 30.78 -22.76 19.37
C GLY A 579 29.30 -22.58 19.07
N PHE A 580 28.56 -23.67 18.97
CA PHE A 580 27.14 -23.54 18.71
C PHE A 580 26.47 -24.90 18.84
N VAL A 581 25.17 -24.88 19.04
CA VAL A 581 24.42 -26.11 19.19
C VAL A 581 22.95 -25.93 18.86
N LEU A 582 22.33 -26.98 18.35
CA LEU A 582 20.93 -26.95 18.01
C LEU A 582 20.24 -28.13 18.66
N TYR A 583 19.16 -27.88 19.38
CA TYR A 583 18.45 -28.98 19.99
C TYR A 583 17.05 -29.05 19.42
N ALA A 584 16.48 -30.25 19.41
CA ALA A 584 15.11 -30.43 18.96
C ALA A 584 14.35 -30.55 20.28
N ILE A 585 13.30 -29.77 20.42
CA ILE A 585 12.53 -29.76 21.65
C ILE A 585 11.25 -30.55 21.53
N GLU A 586 11.05 -31.45 22.48
CA GLU A 586 9.86 -32.30 22.51
C GLU A 586 9.12 -32.18 23.83
N HIS A 587 7.83 -31.84 23.73
CA HIS A 587 6.97 -31.70 24.91
C HIS A 587 6.10 -32.95 25.05
N TRP A 588 6.20 -33.60 26.20
CA TRP A 588 5.41 -34.79 26.42
C TRP A 588 4.55 -34.66 27.68
N MET B 1 11.65 15.03 22.70
CA MET B 1 11.92 14.21 21.48
C MET B 1 11.74 12.74 21.83
N ARG B 2 10.60 12.19 21.43
CA ARG B 2 10.26 10.80 21.70
C ARG B 2 10.21 10.00 20.41
N LYS B 3 11.19 9.12 20.25
CA LYS B 3 11.31 8.29 19.08
C LYS B 3 10.07 7.40 18.94
N GLU B 4 9.54 6.95 20.08
CA GLU B 4 8.37 6.09 20.06
C GLU B 4 7.29 6.62 19.13
N ALA B 5 7.12 7.94 19.05
CA ALA B 5 6.06 8.51 18.23
C ALA B 5 6.44 8.95 16.82
N ILE B 6 7.74 8.93 16.52
CA ILE B 6 8.24 9.32 15.21
C ILE B 6 7.88 8.24 14.21
N TYR B 7 7.53 8.64 12.98
CA TYR B 7 7.14 7.66 11.97
C TYR B 7 7.07 8.20 10.56
N HIS B 8 7.45 7.34 9.61
CA HIS B 8 7.39 7.64 8.19
C HIS B 8 7.57 6.32 7.49
N ARG B 9 6.86 6.13 6.40
CA ARG B 9 7.02 4.92 5.61
C ARG B 9 6.78 5.37 4.18
N PRO B 10 7.70 5.00 3.26
CA PRO B 10 7.73 5.29 1.83
C PRO B 10 6.61 4.68 1.00
N ALA B 11 5.44 5.29 1.09
CA ALA B 11 4.27 4.85 0.34
C ALA B 11 3.04 5.62 0.78
N ASP B 12 2.01 5.59 -0.06
CA ASP B 12 0.76 6.26 0.25
C ASP B 12 0.97 7.66 0.81
N ASN B 13 0.18 7.99 1.83
CA ASN B 13 0.20 9.31 2.44
C ASN B 13 1.54 9.87 2.90
N PHE B 14 2.49 9.01 3.27
CA PHE B 14 3.76 9.53 3.74
C PHE B 14 4.79 9.88 2.67
N ALA B 15 4.75 9.15 1.55
CA ALA B 15 5.69 9.37 0.45
C ALA B 15 5.00 9.07 -0.86
N TYR B 16 4.93 10.06 -1.75
CA TYR B 16 4.26 9.91 -3.05
C TYR B 16 4.67 10.96 -4.09
N ALA B 17 4.38 10.63 -5.37
CA ALA B 17 4.66 11.51 -6.50
C ALA B 17 3.44 12.38 -6.75
N TYR B 18 3.61 13.70 -6.61
CA TYR B 18 2.51 14.65 -6.80
C TYR B 18 2.27 14.82 -8.28
N ASP B 19 3.30 15.27 -8.99
CA ASP B 19 3.21 15.42 -10.45
C ASP B 19 4.40 14.65 -11.01
N SER B 20 4.79 14.89 -12.26
CA SER B 20 5.90 14.14 -12.84
C SER B 20 7.28 14.42 -12.25
N GLU B 21 7.51 15.62 -11.75
CA GLU B 21 8.83 15.96 -11.23
C GLU B 21 8.86 16.20 -9.73
N THR B 22 7.70 16.47 -9.16
CA THR B 22 7.59 16.74 -7.74
C THR B 22 7.00 15.60 -6.95
N LEU B 23 7.67 15.26 -5.86
CA LEU B 23 7.16 14.20 -4.99
C LEU B 23 7.10 14.79 -3.60
N HIS B 24 6.02 14.50 -2.87
CA HIS B 24 5.86 15.02 -1.52
C HIS B 24 6.21 14.02 -0.46
N LEU B 25 6.75 14.53 0.64
CA LEU B 25 7.13 13.69 1.74
C LEU B 25 6.59 14.26 3.04
N ARG B 26 6.06 13.37 3.87
CA ARG B 26 5.50 13.71 5.19
C ARG B 26 6.26 12.95 6.27
N LEU B 27 6.26 13.50 7.47
CA LEU B 27 6.90 12.87 8.61
C LEU B 27 5.93 13.15 9.74
N ARG B 28 5.87 12.27 10.74
CA ARG B 28 4.93 12.45 11.84
C ARG B 28 5.61 12.38 13.18
N THR B 29 5.37 13.38 14.02
CA THR B 29 5.98 13.38 15.34
C THR B 29 4.97 13.63 16.42
N LYS B 30 5.44 13.55 17.66
CA LYS B 30 4.59 13.80 18.80
C LYS B 30 4.22 15.28 18.79
N LYS B 31 3.00 15.60 19.17
CA LYS B 31 2.56 16.99 19.18
C LYS B 31 3.38 17.86 20.14
N ASP B 32 3.99 18.90 19.57
CA ASP B 32 4.84 19.87 20.27
C ASP B 32 6.21 19.30 20.66
N ASP B 33 6.42 18.02 20.42
CA ASP B 33 7.68 17.43 20.81
C ASP B 33 8.88 17.92 19.99
N ILE B 34 8.65 18.32 18.74
CA ILE B 34 9.73 18.77 17.87
C ILE B 34 9.61 20.25 17.46
N ASP B 35 10.73 20.95 17.31
CA ASP B 35 10.67 22.37 16.91
C ASP B 35 10.70 22.48 15.40
N ARG B 36 11.73 21.89 14.81
CA ARG B 36 11.92 21.92 13.39
C ARG B 36 12.46 20.58 12.89
N VAL B 37 12.20 20.30 11.62
CA VAL B 37 12.63 19.07 10.98
C VAL B 37 13.22 19.38 9.62
N GLU B 38 14.27 18.67 9.25
CA GLU B 38 14.92 18.89 7.96
C GLU B 38 15.10 17.60 7.20
N LEU B 39 14.65 17.60 5.96
CA LEU B 39 14.75 16.43 5.09
C LEU B 39 16.14 16.31 4.53
N LEU B 40 16.72 15.13 4.67
CA LEU B 40 18.05 14.87 4.14
C LEU B 40 17.74 14.20 2.82
N HIS B 41 18.27 14.69 1.72
CA HIS B 41 17.92 14.05 0.47
C HIS B 41 18.92 14.21 -0.64
N GLY B 42 19.03 13.18 -1.46
CA GLY B 42 19.96 13.21 -2.56
C GLY B 42 19.84 11.99 -3.44
N ASP B 43 20.30 12.14 -4.67
CA ASP B 43 20.27 11.03 -5.62
C ASP B 43 21.02 9.81 -5.09
N PRO B 44 20.38 8.64 -5.11
CA PRO B 44 20.99 7.40 -4.63
C PRO B 44 22.45 7.12 -5.05
N TYR B 45 22.84 7.57 -6.24
CA TYR B 45 24.19 7.30 -6.72
C TYR B 45 25.15 8.47 -6.80
N ASP B 46 24.84 9.54 -6.07
CA ASP B 46 25.70 10.73 -6.04
C ASP B 46 26.76 10.52 -4.99
N TRP B 47 27.97 10.18 -5.43
CA TRP B 47 29.04 9.93 -4.49
C TRP B 47 30.36 10.56 -4.83
N GLN B 48 31.10 10.98 -3.80
CA GLN B 48 32.41 11.57 -4.02
C GLN B 48 33.50 10.69 -3.42
N ASN B 49 33.60 10.72 -2.10
CA ASN B 49 34.63 9.96 -1.39
C ASN B 49 34.01 9.02 -0.39
N GLY B 50 33.42 7.92 -0.87
CA GLY B 50 32.80 7.02 0.07
C GLY B 50 31.81 7.78 0.93
N ALA B 51 31.39 8.92 0.40
CA ALA B 51 30.44 9.79 1.07
C ALA B 51 29.30 10.02 0.10
N TRP B 52 28.09 9.96 0.62
CA TRP B 52 26.91 10.19 -0.19
C TRP B 52 26.66 11.70 -0.23
N GLN B 53 26.33 12.22 -1.41
CA GLN B 53 26.08 13.66 -1.53
C GLN B 53 24.59 13.95 -1.35
N PHE B 54 24.29 14.76 -0.34
CA PHE B 54 22.91 15.13 -0.05
C PHE B 54 22.79 16.64 0.23
N GLN B 55 21.54 17.11 0.26
CA GLN B 55 21.22 18.51 0.53
C GLN B 55 20.24 18.49 1.68
N MET B 56 20.08 19.60 2.39
CA MET B 56 19.14 19.63 3.50
C MET B 56 18.07 20.66 3.25
N MET B 57 16.82 20.23 3.39
CA MET B 57 15.68 21.09 3.18
C MET B 57 14.79 21.02 4.41
N PRO B 58 14.37 22.18 4.94
CA PRO B 58 13.51 22.23 6.13
C PRO B 58 12.09 21.81 5.80
N MET B 59 11.45 21.09 6.71
CA MET B 59 10.08 20.65 6.51
C MET B 59 9.17 21.60 7.29
N ARG B 60 7.96 21.82 6.78
CA ARG B 60 7.02 22.70 7.49
C ARG B 60 5.85 21.90 8.09
N LYS B 61 5.52 22.18 9.34
CA LYS B 61 4.43 21.51 10.04
C LYS B 61 3.13 21.96 9.38
N THR B 62 2.48 21.06 8.64
CA THR B 62 1.24 21.38 7.96
C THR B 62 -0.03 21.16 8.80
N GLY B 63 0.14 20.55 9.96
CA GLY B 63 -1.00 20.32 10.84
C GLY B 63 -0.74 19.39 12.02
N SER B 64 -1.71 19.35 12.93
CA SER B 64 -1.62 18.55 14.13
C SER B 64 -2.99 17.94 14.39
N ASP B 65 -3.06 16.69 14.82
CA ASP B 65 -4.35 16.12 15.15
C ASP B 65 -4.27 15.93 16.65
N GLU B 66 -5.13 15.11 17.23
CA GLU B 66 -5.12 14.91 18.67
C GLU B 66 -3.71 14.78 19.27
N LEU B 67 -2.88 13.88 18.75
CA LEU B 67 -1.57 13.72 19.36
C LEU B 67 -0.37 13.57 18.43
N PHE B 68 -0.43 14.23 17.28
CA PHE B 68 0.68 14.16 16.36
C PHE B 68 0.82 15.45 15.57
N ASP B 69 2.06 15.73 15.23
CA ASP B 69 2.41 16.87 14.42
C ASP B 69 2.74 16.20 13.08
N TYR B 70 2.29 16.82 11.99
CA TYR B 70 2.58 16.30 10.66
C TYR B 70 3.49 17.29 9.97
N TRP B 71 4.56 16.79 9.37
CA TRP B 71 5.51 17.64 8.66
C TRP B 71 5.43 17.41 7.16
N PHE B 72 5.69 18.46 6.39
CA PHE B 72 5.62 18.37 4.93
C PHE B 72 6.83 18.96 4.22
N ALA B 73 7.26 18.27 3.18
CA ALA B 73 8.37 18.71 2.35
C ALA B 73 8.11 18.29 0.90
N GLU B 74 8.33 19.18 -0.05
CA GLU B 74 8.14 18.80 -1.43
C GLU B 74 9.44 19.02 -2.21
N VAL B 75 10.01 17.94 -2.70
CA VAL B 75 11.26 18.02 -3.45
C VAL B 75 11.17 17.49 -4.88
N LYS B 76 11.82 18.18 -5.80
CA LYS B 76 11.83 17.78 -7.20
C LYS B 76 13.21 17.17 -7.44
N PRO B 77 13.37 15.88 -7.11
CA PRO B 77 14.67 15.21 -7.30
C PRO B 77 15.25 15.47 -8.69
N PRO B 78 16.52 15.87 -8.75
CA PRO B 78 17.25 16.17 -9.98
C PRO B 78 17.10 15.10 -11.08
N TYR B 79 17.31 13.84 -10.73
CA TYR B 79 17.18 12.76 -11.72
C TYR B 79 16.03 11.79 -11.43
N ARG B 80 15.03 12.25 -10.69
CA ARG B 80 13.87 11.44 -10.41
C ARG B 80 14.13 10.26 -9.48
N ARG B 81 15.34 10.18 -8.91
CA ARG B 81 15.68 9.13 -7.97
C ARG B 81 16.02 9.79 -6.66
N LEU B 82 15.57 9.23 -5.55
CA LEU B 82 15.86 9.84 -4.28
C LEU B 82 15.94 8.88 -3.09
N ARG B 83 16.79 9.27 -2.17
CA ARG B 83 17.06 8.59 -0.92
C ARG B 83 17.00 9.73 0.06
N TYR B 84 16.32 9.54 1.18
CA TYR B 84 16.19 10.59 2.17
C TYR B 84 16.16 10.09 3.59
N GLY B 85 16.25 11.04 4.50
CA GLY B 85 16.22 10.78 5.92
C GLY B 85 15.73 12.07 6.55
N PHE B 86 15.54 12.05 7.86
CA PHE B 86 15.07 13.24 8.55
C PHE B 86 15.95 13.61 9.75
N VAL B 87 16.20 14.90 9.89
CA VAL B 87 16.97 15.38 11.02
C VAL B 87 16.01 16.12 11.92
N LEU B 88 15.79 15.59 13.13
CA LEU B 88 14.86 16.20 14.07
C LEU B 88 15.55 17.01 15.15
N TYR B 89 15.09 18.25 15.34
CA TYR B 89 15.63 19.16 16.34
C TYR B 89 14.61 19.48 17.43
N SER B 90 15.07 19.50 18.68
CA SER B 90 14.21 19.82 19.82
C SER B 90 14.95 20.86 20.65
N GLY B 91 14.94 22.09 20.16
CA GLY B 91 15.63 23.15 20.88
C GLY B 91 17.13 23.02 20.65
N GLU B 92 17.51 22.85 19.39
CA GLU B 92 18.90 22.71 18.95
C GLU B 92 19.46 21.29 19.16
N GLU B 93 18.75 20.49 19.96
CA GLU B 93 19.17 19.11 20.24
C GLU B 93 18.74 18.31 19.00
N LYS B 94 19.67 17.61 18.36
CA LYS B 94 19.31 16.90 17.15
C LYS B 94 19.23 15.38 17.21
N LEU B 95 18.55 14.81 16.21
CA LEU B 95 18.36 13.36 16.09
C LEU B 95 18.21 12.98 14.62
N VAL B 96 18.62 11.76 14.26
CA VAL B 96 18.51 11.34 12.86
C VAL B 96 17.64 10.08 12.67
N TYR B 97 16.51 10.28 12.00
CA TYR B 97 15.54 9.22 11.72
C TYR B 97 15.72 8.71 10.31
N THR B 98 15.89 7.40 10.17
CA THR B 98 16.07 6.78 8.87
C THR B 98 15.38 5.45 8.85
N GLU B 99 15.53 4.71 7.75
CA GLU B 99 14.89 3.42 7.64
C GLU B 99 15.52 2.40 8.55
N LYS B 100 16.78 2.63 8.87
CA LYS B 100 17.52 1.76 9.75
C LYS B 100 17.48 2.22 11.22
N GLY B 101 16.61 3.18 11.52
CA GLY B 101 16.50 3.65 12.89
C GLY B 101 17.10 5.01 13.11
N PHE B 102 17.33 5.36 14.38
CA PHE B 102 17.89 6.67 14.74
C PHE B 102 19.39 6.71 14.94
N TYR B 103 19.93 7.93 14.93
CA TYR B 103 21.36 8.17 15.11
C TYR B 103 21.61 9.61 15.54
N PHE B 104 22.73 9.81 16.22
CA PHE B 104 23.14 11.13 16.68
C PHE B 104 23.77 11.90 15.52
N GLU B 105 24.41 11.18 14.61
CA GLU B 105 25.07 11.80 13.48
C GLU B 105 24.52 11.25 12.17
N VAL B 106 24.71 12.00 11.10
CA VAL B 106 24.22 11.62 9.79
C VAL B 106 25.11 10.60 9.08
N PRO B 107 24.64 9.36 8.94
CA PRO B 107 25.43 8.32 8.27
C PRO B 107 25.69 8.79 6.85
N THR B 108 26.86 8.46 6.31
CA THR B 108 27.18 8.89 4.96
C THR B 108 28.05 7.89 4.21
N ASP B 109 28.25 6.72 4.79
CA ASP B 109 29.09 5.69 4.18
C ASP B 109 28.33 4.64 3.40
N ASP B 110 27.01 4.80 3.31
CA ASP B 110 26.16 3.88 2.55
C ASP B 110 24.77 4.48 2.59
N THR B 111 23.93 4.13 1.62
CA THR B 111 22.59 4.70 1.57
C THR B 111 21.47 3.79 2.03
N ALA B 112 21.81 2.59 2.45
CA ALA B 112 20.79 1.67 2.91
C ALA B 112 20.18 2.18 4.21
N TYR B 113 20.83 3.13 4.87
CA TYR B 113 20.28 3.65 6.11
C TYR B 113 18.99 4.38 5.81
N TYR B 114 19.00 5.08 4.67
CA TYR B 114 17.89 5.91 4.27
C TYR B 114 16.68 5.33 3.56
N PHE B 115 15.57 6.04 3.70
CA PHE B 115 14.32 5.66 3.06
C PHE B 115 14.53 5.91 1.58
N CYS B 116 13.83 5.20 0.73
CA CYS B 116 14.02 5.41 -0.68
C CYS B 116 12.78 5.50 -1.53
N PHE B 117 12.81 6.44 -2.47
CA PHE B 117 11.77 6.60 -3.47
C PHE B 117 12.70 6.39 -4.68
N PRO B 118 12.74 5.16 -5.20
CA PRO B 118 13.56 4.77 -6.34
C PRO B 118 13.47 5.58 -7.63
N PHE B 119 12.25 5.86 -8.09
CA PHE B 119 12.08 6.60 -9.34
C PHE B 119 10.65 7.12 -9.57
N LEU B 120 10.54 8.36 -10.03
CA LEU B 120 9.24 8.99 -10.31
C LEU B 120 8.70 8.55 -11.67
N HIS B 121 7.70 7.68 -11.65
CA HIS B 121 7.11 7.20 -12.89
C HIS B 121 5.80 7.88 -13.19
N ARG B 122 5.72 8.53 -14.34
CA ARG B 122 4.53 9.23 -14.73
C ARG B 122 3.33 8.28 -14.73
N VAL B 123 3.53 7.06 -15.23
CA VAL B 123 2.42 6.12 -15.28
C VAL B 123 1.91 5.62 -13.92
N ASP B 124 2.68 5.81 -12.85
CA ASP B 124 2.22 5.33 -11.55
C ASP B 124 1.52 6.47 -10.83
N LEU B 125 1.87 7.67 -11.24
CA LEU B 125 1.32 8.90 -10.68
C LEU B 125 -0.18 8.80 -10.47
N PHE B 126 -0.65 9.11 -9.26
CA PHE B 126 -2.08 9.07 -9.02
C PHE B 126 -2.67 10.23 -9.80
N GLU B 127 -3.87 10.04 -10.33
CA GLU B 127 -4.49 11.08 -11.14
C GLU B 127 -6.01 10.94 -11.31
N ALA B 128 -6.75 11.93 -10.84
CA ALA B 128 -8.22 11.93 -10.94
C ALA B 128 -8.69 13.04 -11.89
N PRO B 129 -9.69 12.75 -12.73
CA PRO B 129 -10.14 13.81 -13.65
C PRO B 129 -10.15 15.19 -12.97
N ASP B 130 -9.35 16.10 -13.50
CA ASP B 130 -9.23 17.44 -12.93
C ASP B 130 -10.53 18.20 -12.72
N TRP B 131 -11.50 17.99 -13.59
CA TRP B 131 -12.75 18.71 -13.47
C TRP B 131 -13.48 18.56 -12.14
N VAL B 132 -13.53 17.34 -11.62
CA VAL B 132 -14.19 17.03 -10.35
C VAL B 132 -13.75 17.93 -9.21
N LYS B 133 -12.53 18.43 -9.30
CA LYS B 133 -11.96 19.31 -8.29
C LYS B 133 -12.73 20.63 -8.28
N ASP B 134 -13.23 21.03 -9.44
CA ASP B 134 -13.98 22.29 -9.56
C ASP B 134 -15.48 22.09 -9.57
N THR B 135 -15.89 20.84 -9.69
CA THR B 135 -17.29 20.50 -9.71
C THR B 135 -17.90 20.64 -8.33
N VAL B 136 -19.22 20.72 -8.29
CA VAL B 136 -20.00 20.80 -7.07
C VAL B 136 -21.23 19.95 -7.37
N TRP B 137 -21.34 18.83 -6.67
CA TRP B 137 -22.43 17.89 -6.91
C TRP B 137 -23.75 18.10 -6.17
N TYR B 138 -24.75 17.39 -6.65
CA TYR B 138 -26.11 17.40 -6.12
C TYR B 138 -26.65 15.98 -6.36
N GLN B 139 -26.69 15.18 -5.29
CA GLN B 139 -27.16 13.79 -5.37
C GLN B 139 -28.66 13.71 -5.44
N ILE B 140 -29.16 12.93 -6.38
CA ILE B 140 -30.59 12.82 -6.54
C ILE B 140 -31.09 11.40 -6.33
N PHE B 141 -32.22 11.28 -5.64
CA PHE B 141 -32.83 9.97 -5.40
C PHE B 141 -34.04 10.08 -6.36
N PRO B 142 -33.89 9.70 -7.64
CA PRO B 142 -34.93 9.76 -8.68
C PRO B 142 -36.35 9.52 -8.22
N GLU B 143 -36.56 8.45 -7.49
CA GLU B 143 -37.94 8.17 -7.06
C GLU B 143 -38.60 9.34 -6.34
N ARG B 144 -37.82 10.20 -5.70
CA ARG B 144 -38.43 11.30 -4.93
C ARG B 144 -38.14 12.72 -5.36
N PHE B 145 -37.50 12.90 -6.51
CA PHE B 145 -37.18 14.25 -6.94
C PHE B 145 -38.36 15.02 -7.52
N ALA B 146 -38.92 14.51 -8.62
CA ALA B 146 -40.04 15.18 -9.25
C ALA B 146 -40.72 14.29 -10.28
N ASN B 147 -42.03 14.10 -10.13
CA ASN B 147 -42.79 13.29 -11.07
C ASN B 147 -43.14 14.07 -12.32
N GLY B 148 -42.21 14.12 -13.27
CA GLY B 148 -42.46 14.85 -14.50
C GLY B 148 -43.22 14.05 -15.55
N ASN B 149 -43.71 12.87 -15.17
CA ASN B 149 -44.46 12.02 -16.09
C ASN B 149 -45.24 10.94 -15.33
N PRO B 150 -46.51 11.22 -15.04
CA PRO B 150 -47.40 10.30 -14.32
C PRO B 150 -47.76 9.00 -15.03
N SER B 151 -47.83 9.02 -16.36
CA SER B 151 -48.21 7.82 -17.11
C SER B 151 -47.41 6.59 -16.70
N ILE B 152 -46.20 6.80 -16.18
CA ILE B 152 -45.33 5.68 -15.75
C ILE B 152 -45.10 5.52 -14.25
N SER B 153 -45.80 6.30 -13.44
CA SER B 153 -45.67 6.20 -11.99
C SER B 153 -46.33 4.89 -11.59
N PRO B 154 -45.59 3.99 -10.94
CA PRO B 154 -46.18 2.71 -10.53
C PRO B 154 -47.55 2.84 -9.87
N GLU B 155 -48.38 1.82 -10.04
CA GLU B 155 -49.72 1.81 -9.44
C GLU B 155 -49.53 1.79 -7.91
N GLY B 156 -50.17 2.72 -7.23
CA GLY B 156 -50.04 2.77 -5.78
C GLY B 156 -49.36 4.04 -5.34
N SER B 157 -48.64 4.66 -6.26
CA SER B 157 -47.97 5.91 -5.95
C SER B 157 -48.90 6.79 -5.12
N ARG B 158 -48.38 7.24 -3.99
CA ARG B 158 -49.12 8.09 -3.08
C ARG B 158 -49.00 9.50 -3.65
N PRO B 159 -49.95 10.40 -3.29
CA PRO B 159 -49.88 11.77 -3.80
C PRO B 159 -48.55 12.37 -3.39
N TRP B 160 -47.89 13.02 -4.34
CA TRP B 160 -46.59 13.62 -4.11
C TRP B 160 -46.49 14.40 -2.80
N GLY B 161 -45.48 14.05 -2.00
CA GLY B 161 -45.23 14.73 -0.74
C GLY B 161 -46.25 14.50 0.34
N SER B 162 -47.39 13.96 -0.06
CA SER B 162 -48.49 13.70 0.85
C SER B 162 -48.11 13.08 2.21
N GLU B 163 -47.72 11.82 2.22
CA GLU B 163 -47.37 11.17 3.46
C GLU B 163 -45.87 10.85 3.65
N ASP B 164 -45.52 10.27 4.80
CA ASP B 164 -44.14 9.93 5.13
C ASP B 164 -43.58 8.71 4.40
N PRO B 165 -42.34 8.81 3.91
CA PRO B 165 -41.68 7.73 3.19
C PRO B 165 -41.60 6.45 3.99
N THR B 166 -41.99 5.34 3.36
CA THR B 166 -41.93 4.03 4.00
C THR B 166 -40.98 3.20 3.15
N PRO B 167 -40.54 2.05 3.66
CA PRO B 167 -39.64 1.20 2.89
C PRO B 167 -40.23 0.68 1.58
N THR B 168 -41.56 0.65 1.49
CA THR B 168 -42.23 0.13 0.30
C THR B 168 -43.09 1.11 -0.49
N SER B 169 -43.05 2.39 -0.14
CA SER B 169 -43.87 3.38 -0.85
C SER B 169 -43.23 3.95 -2.11
N PHE B 170 -44.09 4.47 -2.99
CA PHE B 170 -43.65 5.06 -4.25
C PHE B 170 -44.40 6.38 -4.44
N PHE B 171 -43.79 7.34 -5.13
CA PHE B 171 -44.46 8.61 -5.37
C PHE B 171 -44.44 9.02 -6.85
N GLY B 172 -43.79 8.23 -7.69
CA GLY B 172 -43.76 8.54 -9.10
C GLY B 172 -42.70 9.49 -9.63
N GLY B 173 -41.66 9.74 -8.86
CA GLY B 173 -40.63 10.64 -9.36
C GLY B 173 -39.96 9.95 -10.52
N ASP B 174 -39.54 10.70 -11.52
CA ASP B 174 -38.89 10.09 -12.66
C ASP B 174 -37.88 11.01 -13.32
N LEU B 175 -36.96 10.42 -14.08
CA LEU B 175 -35.92 11.15 -14.80
C LEU B 175 -36.52 12.35 -15.54
N GLN B 176 -37.76 12.21 -16.01
CA GLN B 176 -38.40 13.31 -16.72
C GLN B 176 -38.51 14.50 -15.79
N GLY B 177 -38.73 14.21 -14.50
CA GLY B 177 -38.83 15.25 -13.50
C GLY B 177 -37.53 16.01 -13.40
N ILE B 178 -36.42 15.29 -13.43
CA ILE B 178 -35.11 15.93 -13.36
C ILE B 178 -34.91 16.85 -14.55
N ILE B 179 -35.25 16.35 -15.74
CA ILE B 179 -35.13 17.15 -16.95
C ILE B 179 -36.04 18.35 -16.78
N ASP B 180 -37.14 18.18 -16.04
CA ASP B 180 -38.09 19.26 -15.81
C ASP B 180 -37.67 20.31 -14.78
N HIS B 181 -36.65 20.04 -13.97
CA HIS B 181 -36.19 21.01 -12.97
C HIS B 181 -34.72 21.38 -13.08
N LEU B 182 -34.12 21.08 -14.22
CA LEU B 182 -32.70 21.36 -14.45
C LEU B 182 -32.31 22.81 -14.28
N ASP B 183 -33.13 23.74 -14.75
CA ASP B 183 -32.81 25.15 -14.58
C ASP B 183 -32.63 25.41 -13.08
N TYR B 184 -33.59 25.01 -12.25
CA TYR B 184 -33.49 25.20 -10.82
C TYR B 184 -32.06 24.86 -10.38
N LEU B 185 -31.60 23.64 -10.70
CA LEU B 185 -30.25 23.21 -10.36
C LEU B 185 -29.19 24.14 -10.96
N VAL B 186 -29.33 24.45 -12.24
CA VAL B 186 -28.37 25.34 -12.92
C VAL B 186 -28.35 26.71 -12.23
N ASP B 187 -29.45 27.09 -11.61
CA ASP B 187 -29.52 28.37 -10.91
C ASP B 187 -28.77 28.28 -9.59
N LEU B 188 -28.96 27.18 -8.89
CA LEU B 188 -28.31 26.98 -7.60
C LEU B 188 -26.80 27.10 -7.76
N GLY B 189 -26.29 26.54 -8.84
CA GLY B 189 -24.86 26.57 -9.10
C GLY B 189 -24.36 25.16 -9.34
N ILE B 190 -25.25 24.18 -9.21
CA ILE B 190 -24.86 22.79 -9.41
C ILE B 190 -24.18 22.61 -10.76
N THR B 191 -23.18 21.75 -10.78
CA THR B 191 -22.44 21.51 -12.00
C THR B 191 -22.18 20.02 -12.20
N GLY B 192 -22.95 19.21 -11.48
CA GLY B 192 -22.85 17.77 -11.57
C GLY B 192 -24.00 17.09 -10.85
N ILE B 193 -24.64 16.14 -11.51
CA ILE B 193 -25.74 15.43 -10.89
C ILE B 193 -25.35 13.97 -10.66
N TYR B 194 -25.45 13.55 -9.40
CA TYR B 194 -25.15 12.18 -9.07
C TYR B 194 -26.52 11.57 -8.84
N LEU B 195 -26.83 10.50 -9.56
CA LEU B 195 -28.12 9.87 -9.37
C LEU B 195 -27.88 8.53 -8.71
N THR B 196 -28.86 8.10 -7.92
CA THR B 196 -28.80 6.81 -7.25
C THR B 196 -29.28 5.79 -8.28
N PRO B 197 -29.13 4.49 -7.98
CA PRO B 197 -29.56 3.46 -8.92
C PRO B 197 -30.85 3.76 -9.71
N ILE B 198 -30.80 3.52 -11.02
CA ILE B 198 -31.95 3.73 -11.90
C ILE B 198 -32.22 2.51 -12.76
N PHE B 199 -31.32 1.56 -12.81
CA PHE B 199 -31.57 0.39 -13.63
C PHE B 199 -32.71 -0.44 -13.00
N ARG B 200 -33.58 -1.01 -13.84
CA ARG B 200 -34.73 -1.80 -13.36
C ARG B 200 -34.51 -2.64 -12.10
N SER B 201 -35.38 -2.43 -11.12
CA SER B 201 -35.36 -3.12 -9.83
C SER B 201 -36.76 -3.05 -9.21
N PRO B 202 -37.16 -4.08 -8.43
CA PRO B 202 -38.48 -4.09 -7.79
C PRO B 202 -38.74 -2.89 -6.88
N SER B 203 -37.84 -2.71 -5.92
CA SER B 203 -37.91 -1.65 -4.93
C SER B 203 -37.96 -0.25 -5.45
N ASN B 204 -38.05 0.69 -4.51
CA ASN B 204 -38.10 2.12 -4.82
C ASN B 204 -36.72 2.75 -4.78
N HIS B 205 -35.76 2.08 -4.16
CA HIS B 205 -34.41 2.60 -4.08
C HIS B 205 -33.55 2.04 -5.20
N LYS B 206 -33.89 0.84 -5.65
CA LYS B 206 -33.20 0.21 -6.75
C LYS B 206 -31.81 -0.31 -6.42
N TYR B 207 -31.57 -0.60 -5.15
CA TYR B 207 -30.26 -1.11 -4.78
C TYR B 207 -30.19 -2.62 -4.93
N ASP B 208 -31.28 -3.20 -5.43
CA ASP B 208 -31.36 -4.63 -5.66
C ASP B 208 -31.66 -4.83 -7.14
N THR B 209 -30.65 -4.50 -7.94
CA THR B 209 -30.69 -4.57 -9.41
C THR B 209 -31.37 -5.78 -10.01
N ALA B 210 -32.20 -5.53 -11.01
CA ALA B 210 -32.91 -6.58 -11.71
C ALA B 210 -32.26 -6.80 -13.08
N ASP B 211 -31.90 -5.72 -13.75
CA ASP B 211 -31.26 -5.83 -15.05
C ASP B 211 -30.39 -4.60 -15.24
N TYR B 212 -29.08 -4.82 -15.29
CA TYR B 212 -28.10 -3.75 -15.44
C TYR B 212 -28.05 -3.04 -16.79
N PHE B 213 -28.87 -3.47 -17.74
CA PHE B 213 -28.87 -2.80 -19.03
C PHE B 213 -30.19 -2.10 -19.30
N GLU B 214 -31.06 -2.03 -18.29
CA GLU B 214 -32.37 -1.39 -18.47
C GLU B 214 -32.70 -0.27 -17.47
N VAL B 215 -33.21 0.83 -18.01
CA VAL B 215 -33.64 1.93 -17.17
C VAL B 215 -34.96 1.51 -16.57
N ASP B 216 -35.05 1.53 -15.24
CA ASP B 216 -36.30 1.15 -14.59
C ASP B 216 -37.45 1.79 -15.34
N PRO B 217 -38.37 0.95 -15.83
CA PRO B 217 -39.54 1.41 -16.60
C PRO B 217 -40.28 2.59 -16.00
N HIS B 218 -40.33 2.66 -14.67
CA HIS B 218 -41.04 3.73 -13.99
C HIS B 218 -40.27 5.03 -13.94
N PHE B 219 -39.00 4.97 -14.30
CA PHE B 219 -38.15 6.15 -14.29
C PHE B 219 -38.06 6.78 -15.67
N GLY B 220 -38.23 5.96 -16.69
CA GLY B 220 -38.15 6.45 -18.05
C GLY B 220 -37.48 5.45 -18.98
N ASP B 221 -36.85 5.94 -20.05
CA ASP B 221 -36.22 5.04 -21.00
C ASP B 221 -34.88 5.55 -21.53
N LYS B 222 -34.17 4.68 -22.24
CA LYS B 222 -32.89 5.06 -22.84
C LYS B 222 -33.10 6.45 -23.45
N GLU B 223 -34.14 6.56 -24.27
CA GLU B 223 -34.45 7.82 -24.92
C GLU B 223 -34.46 8.93 -23.90
N THR B 224 -35.11 8.66 -22.77
CA THR B 224 -35.23 9.65 -21.70
C THR B 224 -33.96 9.93 -20.94
N LEU B 225 -33.11 8.93 -20.81
CA LEU B 225 -31.86 9.11 -20.10
C LEU B 225 -31.01 10.07 -20.92
N LYS B 226 -30.76 9.67 -22.16
CA LYS B 226 -29.95 10.44 -23.09
C LYS B 226 -30.32 11.93 -23.08
N THR B 227 -31.61 12.22 -23.25
CA THR B 227 -32.04 13.61 -23.26
C THR B 227 -31.69 14.29 -21.93
N LEU B 228 -31.77 13.54 -20.83
CA LEU B 228 -31.43 14.08 -19.52
C LEU B 228 -29.97 14.51 -19.53
N ILE B 229 -29.09 13.56 -19.84
CA ILE B 229 -27.66 13.77 -19.90
C ILE B 229 -27.28 14.88 -20.88
N ASP B 230 -27.77 14.81 -22.12
CA ASP B 230 -27.45 15.83 -23.11
C ASP B 230 -27.93 17.21 -22.68
N ARG B 231 -29.14 17.27 -22.13
CA ARG B 231 -29.68 18.52 -21.68
C ARG B 231 -28.75 19.03 -20.57
N CYS B 232 -28.25 18.13 -19.73
CA CYS B 232 -27.35 18.50 -18.64
C CYS B 232 -26.02 19.01 -19.16
N HIS B 233 -25.49 18.31 -20.16
CA HIS B 233 -24.23 18.66 -20.77
C HIS B 233 -24.24 20.06 -21.40
N GLU B 234 -25.34 20.43 -22.05
CA GLU B 234 -25.40 21.74 -22.66
C GLU B 234 -25.56 22.84 -21.61
N LYS B 235 -25.98 22.44 -20.41
CA LYS B 235 -26.16 23.37 -19.32
C LYS B 235 -24.90 23.40 -18.42
N GLY B 236 -23.88 22.63 -18.80
CA GLY B 236 -22.65 22.60 -18.04
C GLY B 236 -22.68 21.69 -16.84
N ILE B 237 -23.51 20.66 -16.90
CA ILE B 237 -23.63 19.74 -15.77
C ILE B 237 -23.16 18.34 -16.13
N ARG B 238 -22.40 17.71 -15.25
CA ARG B 238 -21.93 16.34 -15.48
C ARG B 238 -22.87 15.36 -14.79
N VAL B 239 -22.95 14.14 -15.29
CA VAL B 239 -23.84 13.15 -14.73
C VAL B 239 -23.15 11.89 -14.21
N MET B 240 -23.40 11.58 -12.94
CA MET B 240 -22.83 10.39 -12.36
C MET B 240 -23.94 9.39 -12.06
N LEU B 241 -23.69 8.13 -12.43
CA LEU B 241 -24.66 7.06 -12.21
C LEU B 241 -24.14 6.13 -11.14
N ASP B 242 -25.07 5.49 -10.42
CA ASP B 242 -24.73 4.57 -9.34
C ASP B 242 -24.66 3.14 -9.83
N ALA B 243 -23.57 2.44 -9.49
CA ALA B 243 -23.42 1.06 -9.93
C ALA B 243 -23.35 0.08 -8.76
N VAL B 244 -24.40 -0.69 -8.57
CA VAL B 244 -24.41 -1.67 -7.49
C VAL B 244 -23.85 -2.99 -8.00
N PHE B 245 -22.52 -3.09 -8.00
CA PHE B 245 -21.87 -4.32 -8.47
C PHE B 245 -21.58 -5.35 -7.40
N ASN B 246 -21.52 -4.95 -6.14
CA ASN B 246 -21.23 -5.93 -5.10
C ASN B 246 -22.22 -7.08 -5.14
N HIS B 247 -23.47 -6.75 -5.41
CA HIS B 247 -24.55 -7.73 -5.44
C HIS B 247 -25.68 -7.36 -6.40
N CYS B 248 -26.55 -8.33 -6.65
CA CYS B 248 -27.70 -8.11 -7.52
C CYS B 248 -28.98 -8.34 -6.74
N GLY B 249 -30.10 -8.24 -7.43
CA GLY B 249 -31.38 -8.42 -6.79
C GLY B 249 -31.90 -9.84 -6.91
N TYR B 250 -32.78 -10.22 -6.01
CA TYR B 250 -33.35 -11.55 -6.04
C TYR B 250 -33.85 -11.87 -7.45
N GLU B 251 -34.29 -10.83 -8.15
CA GLU B 251 -34.84 -10.98 -9.49
C GLU B 251 -33.82 -10.93 -10.63
N PHE B 252 -32.54 -11.05 -10.32
CA PHE B 252 -31.53 -11.01 -11.36
C PHE B 252 -31.69 -12.28 -12.17
N ALA B 253 -31.79 -12.15 -13.49
CA ALA B 253 -31.94 -13.29 -14.37
C ALA B 253 -31.11 -14.50 -13.92
N PRO B 254 -29.77 -14.35 -13.86
CA PRO B 254 -28.89 -15.45 -13.44
C PRO B 254 -29.19 -16.01 -12.07
N PHE B 255 -29.52 -15.16 -11.11
CA PHE B 255 -29.81 -15.68 -9.78
C PHE B 255 -31.06 -16.52 -9.75
N GLN B 256 -32.10 -16.06 -10.45
CA GLN B 256 -33.35 -16.79 -10.51
C GLN B 256 -33.06 -18.23 -10.95
N ASP B 257 -32.33 -18.34 -12.06
CA ASP B 257 -31.95 -19.62 -12.65
C ASP B 257 -31.21 -20.56 -11.69
N VAL B 258 -30.34 -19.99 -10.88
CA VAL B 258 -29.58 -20.78 -9.91
C VAL B 258 -30.54 -21.26 -8.85
N TRP B 259 -31.53 -20.42 -8.52
CA TRP B 259 -32.51 -20.76 -7.51
C TRP B 259 -33.48 -21.84 -7.98
N LYS B 260 -33.86 -21.79 -9.25
CA LYS B 260 -34.81 -22.77 -9.77
C LYS B 260 -34.13 -24.00 -10.38
N ASN B 261 -32.81 -24.07 -10.25
CA ASN B 261 -32.06 -25.19 -10.80
C ASN B 261 -31.01 -25.70 -9.82
N GLY B 262 -30.53 -24.79 -8.96
CA GLY B 262 -29.53 -25.14 -7.97
C GLY B 262 -28.26 -25.71 -8.58
N GLU B 263 -27.73 -26.74 -7.93
CA GLU B 263 -26.50 -27.40 -8.34
C GLU B 263 -26.30 -27.49 -9.87
N SER B 264 -27.37 -27.66 -10.62
CA SER B 264 -27.21 -27.79 -12.06
C SER B 264 -27.28 -26.48 -12.82
N SER B 265 -27.48 -25.37 -12.10
CA SER B 265 -27.58 -24.07 -12.75
C SER B 265 -26.36 -23.63 -13.54
N LYS B 266 -26.61 -23.19 -14.77
CA LYS B 266 -25.58 -22.70 -15.67
C LYS B 266 -24.82 -21.55 -14.99
N TYR B 267 -25.33 -21.10 -13.84
CA TYR B 267 -24.76 -19.98 -13.09
C TYR B 267 -24.47 -20.26 -11.63
N LYS B 268 -24.09 -21.50 -11.30
CA LYS B 268 -23.82 -21.82 -9.90
C LYS B 268 -22.57 -21.12 -9.38
N ASP B 269 -21.65 -20.83 -10.28
CA ASP B 269 -20.39 -20.19 -9.89
C ASP B 269 -20.44 -18.67 -9.98
N TRP B 270 -21.61 -18.13 -10.33
CA TRP B 270 -21.81 -16.69 -10.43
C TRP B 270 -22.04 -16.10 -9.04
N PHE B 271 -22.31 -16.95 -8.07
CA PHE B 271 -22.60 -16.50 -6.73
C PHE B 271 -21.75 -17.17 -5.67
N HIS B 272 -21.89 -16.68 -4.45
CA HIS B 272 -21.17 -17.23 -3.32
C HIS B 272 -22.14 -18.16 -2.60
N ILE B 273 -22.34 -19.32 -3.20
CA ILE B 273 -23.26 -20.31 -2.67
C ILE B 273 -22.54 -21.46 -1.96
N HIS B 274 -22.93 -21.72 -0.73
CA HIS B 274 -22.31 -22.76 0.05
C HIS B 274 -22.99 -24.11 -0.06
N GLU B 275 -24.31 -24.10 0.07
CA GLU B 275 -25.10 -25.31 0.00
C GLU B 275 -26.16 -25.20 -1.08
N PHE B 276 -26.53 -26.35 -1.65
CA PHE B 276 -27.56 -26.42 -2.67
C PHE B 276 -28.69 -27.31 -2.15
N PRO B 277 -29.94 -26.93 -2.45
CA PRO B 277 -30.23 -25.72 -3.22
C PRO B 277 -30.28 -24.51 -2.29
N LEU B 278 -30.37 -23.32 -2.88
CA LEU B 278 -30.40 -22.09 -2.09
C LEU B 278 -31.50 -22.11 -1.02
N GLN B 279 -31.25 -21.37 0.05
CA GLN B 279 -32.18 -21.27 1.17
C GLN B 279 -32.16 -19.81 1.64
N THR B 280 -32.91 -19.51 2.70
CA THR B 280 -32.95 -18.16 3.27
C THR B 280 -33.29 -18.26 4.75
N GLU B 281 -33.73 -19.44 5.18
CA GLU B 281 -34.10 -19.69 6.58
C GLU B 281 -33.19 -20.69 7.29
N PRO B 282 -32.68 -20.31 8.46
CA PRO B 282 -32.90 -19.04 9.16
C PRO B 282 -32.32 -17.87 8.35
N ARG B 283 -31.01 -17.94 8.12
CA ARG B 283 -30.28 -16.94 7.34
C ARG B 283 -29.99 -17.53 5.95
N PRO B 284 -29.44 -16.73 5.03
CA PRO B 284 -29.15 -17.25 3.68
C PRO B 284 -27.99 -18.24 3.68
N ASN B 285 -27.97 -19.13 2.70
CA ASN B 285 -26.91 -20.12 2.59
C ASN B 285 -26.00 -19.74 1.44
N TYR B 286 -25.96 -18.44 1.14
CA TYR B 286 -25.11 -17.89 0.10
C TYR B 286 -24.84 -16.46 0.56
N ASP B 287 -23.60 -16.02 0.45
CA ASP B 287 -23.20 -14.67 0.87
C ASP B 287 -24.10 -13.60 0.25
N THR B 288 -24.50 -12.60 1.05
CA THR B 288 -25.38 -11.52 0.58
C THR B 288 -24.90 -10.17 1.10
N PHE B 289 -25.49 -9.09 0.62
CA PHE B 289 -25.12 -7.80 1.18
C PHE B 289 -25.60 -7.96 2.60
N ALA B 290 -24.68 -7.84 3.56
CA ALA B 290 -25.07 -8.02 4.95
C ALA B 290 -25.81 -9.36 5.07
N PHE B 291 -27.04 -9.31 5.53
CA PHE B 291 -27.85 -10.52 5.66
C PHE B 291 -29.21 -10.28 5.00
N VAL B 292 -29.17 -9.71 3.80
CA VAL B 292 -30.36 -9.42 3.04
C VAL B 292 -30.53 -10.49 1.96
N PRO B 293 -31.57 -11.31 2.08
CA PRO B 293 -31.85 -12.39 1.12
C PRO B 293 -32.03 -11.95 -0.33
N GLN B 294 -32.66 -10.80 -0.55
CA GLN B 294 -32.90 -10.30 -1.90
C GLN B 294 -31.64 -9.73 -2.55
N MET B 295 -30.55 -9.67 -1.81
CA MET B 295 -29.31 -9.11 -2.34
C MET B 295 -28.15 -10.10 -2.27
N PRO B 296 -28.17 -11.13 -3.15
CA PRO B 296 -27.12 -12.15 -3.20
C PRO B 296 -25.82 -11.63 -3.80
N LYS B 297 -24.73 -11.77 -3.07
CA LYS B 297 -23.44 -11.30 -3.53
C LYS B 297 -23.02 -11.89 -4.88
N LEU B 298 -22.52 -11.03 -5.76
CA LEU B 298 -22.06 -11.47 -7.07
C LEU B 298 -20.61 -11.84 -6.85
N ASN B 299 -20.13 -12.85 -7.57
CA ASN B 299 -18.74 -13.31 -7.46
C ASN B 299 -17.88 -12.71 -8.57
N THR B 300 -17.34 -11.52 -8.31
CA THR B 300 -16.51 -10.80 -9.26
C THR B 300 -15.22 -11.52 -9.62
N ALA B 301 -15.04 -12.72 -9.08
CA ALA B 301 -13.87 -13.53 -9.36
C ALA B 301 -14.12 -14.41 -10.57
N ASN B 302 -15.39 -14.68 -10.87
CA ASN B 302 -15.70 -15.47 -12.03
C ASN B 302 -15.39 -14.62 -13.24
N PRO B 303 -14.68 -15.17 -14.21
CA PRO B 303 -14.34 -14.40 -15.42
C PRO B 303 -15.58 -13.91 -16.17
N GLU B 304 -16.69 -14.63 -16.04
CA GLU B 304 -17.91 -14.22 -16.71
C GLU B 304 -18.53 -13.03 -16.00
N VAL B 305 -18.96 -13.23 -14.77
CA VAL B 305 -19.56 -12.17 -13.98
C VAL B 305 -18.75 -10.89 -14.18
N LYS B 306 -17.45 -11.07 -14.27
CA LYS B 306 -16.52 -9.97 -14.46
C LYS B 306 -16.68 -9.35 -15.84
N ARG B 307 -16.71 -10.18 -16.88
CA ARG B 307 -16.87 -9.66 -18.23
C ARG B 307 -18.16 -8.85 -18.28
N TYR B 308 -19.25 -9.48 -17.82
CA TYR B 308 -20.56 -8.84 -17.78
C TYR B 308 -20.55 -7.46 -17.11
N LEU B 309 -20.07 -7.41 -15.87
CA LEU B 309 -20.02 -6.16 -15.14
C LEU B 309 -19.18 -5.10 -15.86
N LEU B 310 -18.07 -5.54 -16.45
CA LEU B 310 -17.21 -4.62 -17.18
C LEU B 310 -17.97 -4.14 -18.41
N ASP B 311 -18.85 -4.97 -18.93
CA ASP B 311 -19.64 -4.58 -20.08
C ASP B 311 -20.58 -3.47 -19.66
N VAL B 312 -21.33 -3.74 -18.59
CA VAL B 312 -22.27 -2.76 -18.06
C VAL B 312 -21.57 -1.44 -17.86
N ALA B 313 -20.39 -1.48 -17.25
CA ALA B 313 -19.64 -0.27 -16.97
C ALA B 313 -19.35 0.55 -18.19
N THR B 314 -18.73 -0.08 -19.19
CA THR B 314 -18.38 0.61 -20.41
C THR B 314 -19.61 0.92 -21.24
N TYR B 315 -20.61 0.06 -21.16
CA TYR B 315 -21.81 0.28 -21.95
C TYR B 315 -22.31 1.71 -21.76
N TRP B 316 -22.82 2.00 -20.57
CA TRP B 316 -23.37 3.32 -20.29
C TRP B 316 -22.50 4.51 -20.64
N ILE B 317 -21.19 4.40 -20.45
CA ILE B 317 -20.29 5.49 -20.79
C ILE B 317 -20.31 5.60 -22.31
N ARG B 318 -20.11 4.46 -22.96
CA ARG B 318 -20.07 4.39 -24.40
C ARG B 318 -21.41 4.72 -25.06
N GLU B 319 -22.52 4.37 -24.41
CA GLU B 319 -23.80 4.63 -25.03
C GLU B 319 -24.57 5.84 -24.57
N PHE B 320 -24.17 6.44 -23.46
CA PHE B 320 -24.88 7.61 -22.99
C PHE B 320 -23.97 8.77 -22.69
N ASP B 321 -22.71 8.45 -22.37
CA ASP B 321 -21.72 9.48 -22.09
C ASP B 321 -21.77 10.05 -20.68
N ILE B 322 -21.98 9.19 -19.70
CA ILE B 322 -22.02 9.65 -18.32
C ILE B 322 -20.60 10.03 -17.90
N ASP B 323 -20.47 10.96 -16.96
CA ASP B 323 -19.15 11.39 -16.57
C ASP B 323 -18.53 10.73 -15.37
N GLY B 324 -19.23 9.75 -14.79
CA GLY B 324 -18.68 9.07 -13.65
C GLY B 324 -19.51 7.92 -13.11
N TRP B 325 -18.87 7.05 -12.32
CA TRP B 325 -19.51 5.91 -11.68
C TRP B 325 -19.31 6.00 -10.16
N ARG B 326 -20.38 5.80 -9.42
CA ARG B 326 -20.35 5.80 -7.96
C ARG B 326 -20.61 4.31 -7.71
N LEU B 327 -19.70 3.62 -7.06
CA LEU B 327 -19.91 2.20 -6.87
C LEU B 327 -20.04 1.81 -5.42
N ASP B 328 -21.26 1.55 -4.96
CA ASP B 328 -21.44 1.20 -3.56
C ASP B 328 -20.91 -0.15 -3.12
N VAL B 329 -20.68 -0.26 -1.81
CA VAL B 329 -20.17 -1.47 -1.20
C VAL B 329 -18.94 -1.95 -1.96
N ALA B 330 -18.32 -1.02 -2.67
CA ALA B 330 -17.14 -1.32 -3.47
C ALA B 330 -16.01 -1.96 -2.70
N ASN B 331 -15.84 -1.55 -1.44
CA ASN B 331 -14.77 -2.11 -0.61
C ASN B 331 -14.92 -3.61 -0.44
N GLU B 332 -16.06 -4.16 -0.85
CA GLU B 332 -16.24 -5.60 -0.70
C GLU B 332 -15.97 -6.38 -1.98
N ILE B 333 -15.58 -5.67 -3.03
CA ILE B 333 -15.24 -6.31 -4.31
C ILE B 333 -13.73 -6.42 -4.31
N ASP B 334 -13.18 -7.48 -4.91
CA ASP B 334 -11.73 -7.64 -4.92
C ASP B 334 -10.97 -6.58 -5.72
N HIS B 335 -9.78 -6.23 -5.22
CA HIS B 335 -8.90 -5.25 -5.87
C HIS B 335 -8.62 -5.63 -7.31
N GLU B 336 -8.44 -6.93 -7.56
CA GLU B 336 -8.14 -7.42 -8.89
C GLU B 336 -9.17 -6.94 -9.91
N PHE B 337 -10.43 -6.94 -9.50
CA PHE B 337 -11.49 -6.50 -10.38
C PHE B 337 -11.43 -4.99 -10.61
N TRP B 338 -11.30 -4.24 -9.53
CA TRP B 338 -11.25 -2.79 -9.58
C TRP B 338 -10.09 -2.31 -10.42
N ARG B 339 -9.02 -3.12 -10.47
CA ARG B 339 -7.84 -2.79 -11.25
C ARG B 339 -8.24 -2.79 -12.72
N GLU B 340 -8.98 -3.81 -13.14
CA GLU B 340 -9.44 -3.89 -14.52
C GLU B 340 -10.45 -2.78 -14.76
N PHE B 341 -11.50 -2.78 -13.93
CA PHE B 341 -12.58 -1.79 -14.02
C PHE B 341 -12.03 -0.47 -14.48
N ARG B 342 -10.97 -0.03 -13.82
CA ARG B 342 -10.37 1.25 -14.17
C ARG B 342 -9.83 1.14 -15.58
N GLN B 343 -8.89 0.22 -15.78
CA GLN B 343 -8.28 0.04 -17.09
C GLN B 343 -9.29 0.18 -18.21
N GLU B 344 -10.34 -0.62 -18.19
CA GLU B 344 -11.35 -0.55 -19.23
C GLU B 344 -12.03 0.81 -19.29
N VAL B 345 -12.64 1.20 -18.18
CA VAL B 345 -13.34 2.47 -18.13
C VAL B 345 -12.47 3.62 -18.61
N LYS B 346 -11.29 3.78 -18.02
CA LYS B 346 -10.38 4.86 -18.39
C LYS B 346 -9.87 4.76 -19.83
N ALA B 347 -9.89 3.56 -20.37
CA ALA B 347 -9.44 3.35 -21.74
C ALA B 347 -10.45 3.98 -22.66
N LEU B 348 -11.71 3.83 -22.27
CA LEU B 348 -12.80 4.36 -23.05
C LEU B 348 -12.88 5.88 -22.93
N LYS B 349 -13.23 6.34 -21.74
CA LYS B 349 -13.35 7.77 -21.47
C LYS B 349 -12.42 8.12 -20.31
N PRO B 350 -11.21 8.60 -20.62
CA PRO B 350 -10.18 8.99 -19.65
C PRO B 350 -10.63 9.78 -18.42
N ASP B 351 -11.30 10.91 -18.63
CA ASP B 351 -11.70 11.69 -17.48
C ASP B 351 -13.08 11.38 -16.91
N VAL B 352 -13.27 10.11 -16.57
CA VAL B 352 -14.49 9.65 -15.95
C VAL B 352 -14.21 9.51 -14.47
N TYR B 353 -15.04 10.14 -13.65
CA TYR B 353 -14.88 10.07 -12.20
C TYR B 353 -15.30 8.71 -11.65
N ILE B 354 -14.35 7.91 -11.21
CA ILE B 354 -14.66 6.60 -10.63
C ILE B 354 -14.60 6.69 -9.11
N LEU B 355 -15.76 6.97 -8.51
CA LEU B 355 -15.92 7.14 -7.07
C LEU B 355 -16.40 5.87 -6.38
N GLY B 356 -15.54 5.21 -5.62
CA GLY B 356 -15.99 4.01 -4.94
C GLY B 356 -16.55 4.34 -3.58
N GLN B 357 -17.59 3.62 -3.15
CA GLN B 357 -18.14 3.88 -1.84
C GLN B 357 -17.39 3.04 -0.85
N ILE B 358 -16.68 3.70 0.06
CA ILE B 358 -15.93 3.00 1.09
C ILE B 358 -16.19 3.70 2.43
N TRP B 359 -16.62 2.96 3.45
CA TRP B 359 -16.89 3.59 4.73
C TRP B 359 -15.77 3.40 5.76
N HIS B 360 -14.52 3.61 5.34
CA HIS B 360 -13.36 3.49 6.21
C HIS B 360 -12.11 3.85 5.44
N ASP B 361 -10.98 3.89 6.14
CA ASP B 361 -9.69 4.21 5.54
C ASP B 361 -9.61 3.49 4.22
N ALA B 362 -9.59 4.25 3.13
CA ALA B 362 -9.56 3.65 1.81
C ALA B 362 -8.22 3.71 1.07
N MET B 363 -7.14 4.01 1.77
CA MET B 363 -5.82 4.10 1.12
C MET B 363 -5.50 3.01 0.11
N PRO B 364 -5.80 1.75 0.43
CA PRO B 364 -5.51 0.65 -0.50
C PRO B 364 -6.19 0.81 -1.86
N TRP B 365 -7.31 1.54 -1.88
CA TRP B 365 -8.10 1.77 -3.09
C TRP B 365 -7.86 3.11 -3.74
N LEU B 366 -6.92 3.87 -3.19
CA LEU B 366 -6.58 5.20 -3.72
C LEU B 366 -5.09 5.37 -4.04
N ARG B 367 -4.51 4.37 -4.68
CA ARG B 367 -3.09 4.44 -5.04
C ARG B 367 -2.84 4.86 -6.48
N GLY B 368 -3.90 4.83 -7.28
CA GLY B 368 -3.79 5.23 -8.67
C GLY B 368 -4.23 4.17 -9.65
N ASP B 369 -4.37 2.95 -9.18
CA ASP B 369 -4.77 1.85 -10.05
C ASP B 369 -6.22 1.43 -9.86
N GLN B 370 -7.00 2.21 -9.13
CA GLN B 370 -8.39 1.86 -8.92
C GLN B 370 -9.35 3.05 -8.89
N PHE B 371 -9.84 3.44 -7.72
CA PHE B 371 -10.76 4.57 -7.66
C PHE B 371 -10.04 5.90 -7.75
N ASP B 372 -10.78 7.00 -7.91
CA ASP B 372 -10.17 8.33 -7.99
C ASP B 372 -10.50 9.07 -6.72
N ALA B 373 -11.47 8.52 -5.98
CA ALA B 373 -11.90 9.11 -4.73
C ALA B 373 -12.91 8.21 -4.06
N VAL B 374 -13.16 8.50 -2.80
CA VAL B 374 -14.09 7.72 -2.03
C VAL B 374 -15.06 8.69 -1.39
N MET B 375 -16.03 8.16 -0.67
CA MET B 375 -17.01 8.99 0.01
C MET B 375 -16.32 9.39 1.29
N ASN B 376 -15.97 10.67 1.44
CA ASN B 376 -15.27 11.13 2.64
C ASN B 376 -16.13 11.20 3.90
N TYR B 377 -16.48 10.04 4.44
CA TYR B 377 -17.29 9.99 5.63
C TYR B 377 -16.62 10.60 6.86
N PRO B 378 -15.30 10.43 7.02
CA PRO B 378 -14.62 11.01 8.19
C PRO B 378 -14.87 12.49 8.21
N PHE B 379 -14.99 13.05 7.01
CA PHE B 379 -15.26 14.47 6.89
C PHE B 379 -16.67 14.68 7.36
N THR B 380 -17.56 13.82 6.92
CA THR B 380 -18.91 14.00 7.33
C THR B 380 -19.03 13.91 8.82
N ASP B 381 -18.67 12.77 9.40
CA ASP B 381 -18.77 12.61 10.83
C ASP B 381 -18.26 13.84 11.55
N GLY B 382 -17.06 14.25 11.19
CA GLY B 382 -16.44 15.41 11.82
C GLY B 382 -17.28 16.67 11.79
N VAL B 383 -17.53 17.17 10.59
CA VAL B 383 -18.32 18.39 10.40
C VAL B 383 -19.63 18.40 11.18
N LEU B 384 -20.31 17.26 11.22
CA LEU B 384 -21.57 17.16 11.95
C LEU B 384 -21.37 17.23 13.45
N ARG B 385 -20.40 16.48 13.97
CA ARG B 385 -20.14 16.48 15.40
C ARG B 385 -19.78 17.84 15.93
N PHE B 386 -19.22 18.68 15.06
CA PHE B 386 -18.83 20.00 15.49
C PHE B 386 -19.89 21.06 15.25
N PHE B 387 -20.24 21.26 13.98
CA PHE B 387 -21.21 22.27 13.63
C PHE B 387 -22.66 21.96 14.04
N ALA B 388 -23.12 20.74 13.74
CA ALA B 388 -24.49 20.39 14.06
C ALA B 388 -24.72 19.91 15.49
N LYS B 389 -24.14 18.77 15.84
CA LYS B 389 -24.32 18.23 17.18
C LYS B 389 -23.65 19.07 18.26
N GLU B 390 -22.49 19.64 17.96
CA GLU B 390 -21.76 20.46 18.92
C GLU B 390 -21.16 19.58 20.00
N GLU B 391 -20.90 18.32 19.68
CA GLU B 391 -20.34 17.41 20.67
C GLU B 391 -18.84 17.54 20.91
N ILE B 392 -18.09 17.99 19.91
CA ILE B 392 -16.65 18.16 20.07
C ILE B 392 -16.28 19.63 20.03
N SER B 393 -15.15 19.98 20.62
CA SER B 393 -14.71 21.35 20.63
C SER B 393 -14.11 21.67 19.27
N ALA B 394 -13.59 22.88 19.12
CA ALA B 394 -12.99 23.30 17.86
C ALA B 394 -11.60 22.70 17.65
N ARG B 395 -10.86 22.52 18.74
CA ARG B 395 -9.52 21.92 18.65
C ARG B 395 -9.72 20.50 18.19
N GLN B 396 -10.79 19.86 18.68
CA GLN B 396 -11.08 18.50 18.30
C GLN B 396 -11.39 18.40 16.81
N PHE B 397 -12.24 19.30 16.33
CA PHE B 397 -12.63 19.33 14.92
C PHE B 397 -11.40 19.54 14.05
N ALA B 398 -10.60 20.53 14.40
CA ALA B 398 -9.40 20.81 13.65
C ALA B 398 -8.53 19.58 13.72
N ASN B 399 -8.51 18.93 14.88
CA ASN B 399 -7.71 17.73 15.02
C ASN B 399 -8.14 16.67 14.02
N GLN B 400 -9.43 16.35 13.99
CA GLN B 400 -9.96 15.32 13.10
C GLN B 400 -9.92 15.65 11.62
N MET B 401 -9.98 16.93 11.31
CA MET B 401 -9.93 17.34 9.92
C MET B 401 -8.50 17.18 9.44
N MET B 402 -7.55 17.53 10.29
CA MET B 402 -6.16 17.38 9.93
C MET B 402 -5.84 15.89 9.89
N HIS B 403 -6.40 15.12 10.81
CA HIS B 403 -6.15 13.69 10.86
C HIS B 403 -6.56 12.98 9.57
N VAL B 404 -7.69 13.38 9.00
CA VAL B 404 -8.16 12.73 7.80
C VAL B 404 -7.41 13.20 6.59
N LEU B 405 -6.95 14.45 6.65
CA LEU B 405 -6.23 15.04 5.54
C LEU B 405 -4.82 14.52 5.41
N HIS B 406 -4.13 14.39 6.52
CA HIS B 406 -2.78 13.90 6.46
C HIS B 406 -2.77 12.39 6.28
N SER B 407 -3.95 11.78 6.30
CA SER B 407 -4.04 10.33 6.14
C SER B 407 -3.88 9.90 4.69
N TYR B 408 -4.20 10.82 3.77
CA TYR B 408 -4.09 10.56 2.35
C TYR B 408 -3.09 11.54 1.70
N PRO B 409 -2.73 11.29 0.43
CA PRO B 409 -1.80 12.13 -0.32
C PRO B 409 -2.55 13.39 -0.71
N ASN B 410 -1.83 14.46 -1.00
CA ASN B 410 -2.50 15.69 -1.38
C ASN B 410 -3.36 15.59 -2.63
N ASN B 411 -2.89 14.95 -3.70
CA ASN B 411 -3.70 14.86 -4.91
C ASN B 411 -4.94 13.99 -4.74
N VAL B 412 -4.91 13.08 -3.77
CA VAL B 412 -6.05 12.24 -3.54
C VAL B 412 -7.06 13.10 -2.78
N ASN B 413 -6.55 13.96 -1.91
CA ASN B 413 -7.42 14.81 -1.13
C ASN B 413 -8.14 15.85 -1.98
N GLU B 414 -7.51 16.25 -3.09
CA GLU B 414 -8.05 17.27 -4.02
C GLU B 414 -9.30 16.83 -4.78
N ALA B 415 -9.56 15.52 -4.79
CA ALA B 415 -10.72 14.98 -5.50
C ALA B 415 -11.64 14.21 -4.57
N ALA B 416 -11.62 14.57 -3.28
CA ALA B 416 -12.45 13.88 -2.29
C ALA B 416 -13.91 14.31 -2.32
N PHE B 417 -14.80 13.34 -2.36
CA PHE B 417 -16.25 13.54 -2.40
C PHE B 417 -16.74 13.97 -1.01
N ASN B 418 -17.01 15.26 -0.85
CA ASN B 418 -17.45 15.80 0.43
C ASN B 418 -18.94 16.12 0.54
N LEU B 419 -19.67 15.26 1.25
CA LEU B 419 -21.10 15.44 1.46
C LEU B 419 -21.35 15.47 2.96
N LEU B 420 -22.40 16.19 3.34
CA LEU B 420 -22.80 16.35 4.74
C LEU B 420 -23.87 15.34 5.11
N GLY B 421 -24.59 14.86 4.09
CA GLY B 421 -25.65 13.90 4.33
C GLY B 421 -26.03 13.14 3.08
N SER B 422 -26.82 12.10 3.24
CA SER B 422 -27.22 11.30 2.10
C SER B 422 -28.56 10.61 2.33
N HIS B 423 -28.88 9.68 1.46
CA HIS B 423 -30.13 8.96 1.58
C HIS B 423 -30.04 7.92 2.68
N ASP B 424 -28.83 7.69 3.18
CA ASP B 424 -28.64 6.68 4.23
C ASP B 424 -28.42 7.30 5.61
N THR B 425 -28.49 8.63 5.66
CA THR B 425 -28.28 9.38 6.89
C THR B 425 -29.49 10.23 7.21
N SER B 426 -29.43 10.93 8.33
CA SER B 426 -30.53 11.80 8.71
C SER B 426 -30.36 13.06 7.90
N ARG B 427 -31.33 13.96 7.98
CA ARG B 427 -31.25 15.19 7.26
C ARG B 427 -30.44 16.18 8.09
N ILE B 428 -29.40 16.75 7.49
CA ILE B 428 -28.53 17.70 8.21
C ILE B 428 -29.30 18.70 9.05
N LEU B 429 -30.37 19.27 8.51
CA LEU B 429 -31.15 20.23 9.30
C LEU B 429 -31.77 19.54 10.51
N THR B 430 -32.22 18.29 10.33
CA THR B 430 -32.81 17.57 11.44
C THR B 430 -31.74 17.25 12.49
N VAL B 431 -30.50 17.15 12.07
CA VAL B 431 -29.43 16.87 13.02
C VAL B 431 -29.11 18.19 13.73
N CYS B 432 -29.33 19.28 13.02
CA CYS B 432 -29.08 20.57 13.59
C CYS B 432 -30.18 20.92 14.59
N GLY B 433 -31.04 19.95 14.88
CA GLY B 433 -32.12 20.18 15.82
C GLY B 433 -33.06 21.24 15.29
N GLY B 434 -33.02 21.42 13.98
CA GLY B 434 -33.87 22.40 13.32
C GLY B 434 -33.28 23.79 13.20
N ASP B 435 -32.03 23.96 13.63
CA ASP B 435 -31.37 25.26 13.59
C ASP B 435 -30.74 25.56 12.22
N ILE B 436 -31.41 26.40 11.43
CA ILE B 436 -30.92 26.78 10.12
C ILE B 436 -29.52 27.39 10.21
N ARG B 437 -29.32 28.20 11.24
CA ARG B 437 -28.06 28.86 11.47
C ARG B 437 -26.91 27.86 11.41
N LYS B 438 -27.15 26.66 11.92
CA LYS B 438 -26.13 25.62 11.94
C LYS B 438 -25.87 25.05 10.55
N VAL B 439 -26.95 24.76 9.85
CA VAL B 439 -26.87 24.22 8.51
C VAL B 439 -26.05 25.17 7.66
N LYS B 440 -26.25 26.48 7.90
CA LYS B 440 -25.54 27.51 7.16
C LYS B 440 -24.05 27.29 7.30
N LEU B 441 -23.65 26.97 8.53
CA LEU B 441 -22.24 26.71 8.82
C LEU B 441 -21.73 25.46 8.12
N LEU B 442 -22.57 24.42 8.07
CA LEU B 442 -22.12 23.20 7.40
C LEU B 442 -21.77 23.56 5.95
N PHE B 443 -22.75 24.09 5.23
CA PHE B 443 -22.51 24.48 3.85
C PHE B 443 -21.27 25.35 3.77
N LEU B 444 -21.13 26.27 4.71
CA LEU B 444 -19.95 27.13 4.70
C LEU B 444 -18.65 26.33 4.73
N PHE B 445 -18.54 25.42 5.68
CA PHE B 445 -17.33 24.63 5.78
C PHE B 445 -17.20 23.72 4.57
N GLN B 446 -18.34 23.20 4.13
CA GLN B 446 -18.33 22.28 3.00
C GLN B 446 -17.81 22.93 1.75
N LEU B 447 -18.38 24.08 1.43
CA LEU B 447 -18.03 24.76 0.21
C LEU B 447 -16.74 25.55 0.20
N THR B 448 -15.92 25.41 1.24
CA THR B 448 -14.62 26.09 1.28
C THR B 448 -13.52 25.10 1.52
N PHE B 449 -13.90 23.83 1.61
CA PHE B 449 -12.97 22.73 1.86
C PHE B 449 -12.48 22.16 0.54
N THR B 450 -11.19 21.87 0.43
CA THR B 450 -10.65 21.32 -0.82
C THR B 450 -11.28 19.98 -1.20
N GLY B 451 -11.72 19.85 -2.44
CA GLY B 451 -12.33 18.60 -2.89
C GLY B 451 -13.55 18.81 -3.75
N SER B 452 -14.35 17.76 -3.93
CA SER B 452 -15.58 17.82 -4.73
C SER B 452 -16.85 17.65 -3.86
N PRO B 453 -17.43 18.77 -3.35
CA PRO B 453 -18.62 18.80 -2.50
C PRO B 453 -19.84 18.28 -3.20
N CYS B 454 -20.75 17.73 -2.41
CA CYS B 454 -21.98 17.20 -2.98
C CYS B 454 -23.12 17.63 -2.08
N ILE B 455 -24.25 18.01 -2.66
CA ILE B 455 -25.39 18.43 -1.86
C ILE B 455 -26.57 17.48 -2.04
N TYR B 456 -27.13 17.00 -0.93
CA TYR B 456 -28.27 16.07 -0.98
C TYR B 456 -29.53 16.85 -1.30
N TYR B 457 -30.33 16.35 -2.23
CA TYR B 457 -31.54 17.06 -2.65
C TYR B 457 -32.43 17.54 -1.51
N GLY B 458 -32.75 18.84 -1.56
CA GLY B 458 -33.62 19.42 -0.56
C GLY B 458 -32.92 19.95 0.66
N ASP B 459 -31.64 19.64 0.81
CA ASP B 459 -30.90 20.14 1.96
C ASP B 459 -30.60 21.59 1.78
N GLU B 460 -30.75 22.07 0.56
CA GLU B 460 -30.48 23.47 0.27
C GLU B 460 -31.73 24.30 0.49
N ILE B 461 -32.88 23.66 0.59
CA ILE B 461 -34.12 24.37 0.83
C ILE B 461 -34.69 24.12 2.22
N GLY B 462 -33.96 23.36 3.03
CA GLY B 462 -34.41 23.10 4.38
C GLY B 462 -35.22 21.84 4.67
N MET B 463 -35.15 20.84 3.81
CA MET B 463 -35.90 19.62 4.06
C MET B 463 -35.50 18.94 5.37
N THR B 464 -36.42 18.22 6.02
CA THR B 464 -36.08 17.55 7.27
C THR B 464 -36.59 16.13 7.37
N GLY B 465 -36.04 15.39 8.32
CA GLY B 465 -36.47 14.02 8.50
C GLY B 465 -35.42 13.21 9.22
N GLY B 466 -35.79 12.00 9.62
CA GLY B 466 -34.85 11.15 10.32
C GLY B 466 -34.00 10.37 9.33
N ASN B 467 -33.56 9.18 9.74
CA ASN B 467 -32.74 8.35 8.88
C ASN B 467 -33.60 7.37 8.07
N ASP B 468 -33.12 6.97 6.91
CA ASP B 468 -33.79 6.03 6.00
C ASP B 468 -34.95 5.30 6.66
N PRO B 469 -36.14 5.35 6.07
CA PRO B 469 -36.49 6.04 4.83
C PRO B 469 -36.85 7.52 5.03
N GLU B 470 -36.91 7.95 6.29
CA GLU B 470 -37.28 9.33 6.61
C GLU B 470 -36.53 10.38 5.81
N CYS B 471 -35.26 10.13 5.51
CA CYS B 471 -34.51 11.14 4.76
C CYS B 471 -34.89 11.18 3.27
N ARG B 472 -35.86 10.36 2.90
CA ARG B 472 -36.30 10.26 1.50
C ARG B 472 -37.68 10.82 1.17
N LYS B 473 -38.08 11.89 1.85
CA LYS B 473 -39.36 12.48 1.54
C LYS B 473 -39.22 13.07 0.14
N CYS B 474 -40.35 13.35 -0.50
CA CYS B 474 -40.39 13.95 -1.83
C CYS B 474 -39.75 15.33 -1.80
N MET B 475 -39.11 15.73 -2.89
CA MET B 475 -38.51 17.06 -2.93
C MET B 475 -39.61 18.07 -2.63
N VAL B 476 -39.24 19.20 -2.05
CA VAL B 476 -40.21 20.25 -1.74
C VAL B 476 -40.07 21.30 -2.85
N TRP B 477 -41.16 21.56 -3.59
CA TRP B 477 -41.11 22.53 -4.67
C TRP B 477 -41.92 23.82 -4.40
N ASP B 478 -42.75 23.82 -3.36
CA ASP B 478 -43.52 25.01 -3.04
C ASP B 478 -42.63 25.96 -2.24
N PRO B 479 -42.49 27.21 -2.71
CA PRO B 479 -41.66 28.21 -2.04
C PRO B 479 -42.00 28.45 -0.56
N MET B 480 -43.29 28.49 -0.27
CA MET B 480 -43.74 28.73 1.09
C MET B 480 -43.20 27.71 2.07
N GLN B 481 -42.58 26.65 1.53
CA GLN B 481 -41.98 25.59 2.35
C GLN B 481 -40.47 25.58 2.30
N GLN B 482 -39.90 25.92 1.15
CA GLN B 482 -38.45 25.91 1.00
C GLN B 482 -37.74 27.15 1.52
N ASN B 483 -37.10 27.00 2.67
CA ASN B 483 -36.37 28.07 3.34
C ASN B 483 -35.42 28.75 2.37
N LYS B 484 -35.77 29.96 1.98
CA LYS B 484 -34.97 30.69 1.01
C LYS B 484 -33.67 31.26 1.54
N GLU B 485 -33.59 31.58 2.84
CA GLU B 485 -32.33 32.13 3.38
C GLU B 485 -31.20 31.16 3.06
N LEU B 486 -31.53 29.87 3.05
CA LEU B 486 -30.55 28.82 2.76
C LEU B 486 -30.19 28.79 1.29
N HIS B 487 -31.22 28.77 0.45
CA HIS B 487 -31.00 28.75 -0.99
C HIS B 487 -29.99 29.82 -1.33
N GLN B 488 -30.30 31.06 -1.00
CA GLN B 488 -29.38 32.13 -1.30
C GLN B 488 -28.05 31.89 -0.62
N HIS B 489 -28.05 31.33 0.59
CA HIS B 489 -26.80 31.06 1.28
C HIS B 489 -25.95 30.09 0.45
N VAL B 490 -26.52 28.93 0.12
CA VAL B 490 -25.82 27.91 -0.67
C VAL B 490 -25.37 28.51 -1.99
N LYS B 491 -26.34 29.03 -2.74
CA LYS B 491 -26.09 29.65 -4.03
C LYS B 491 -24.94 30.66 -3.98
N GLN B 492 -24.96 31.46 -2.92
CA GLN B 492 -23.97 32.50 -2.68
C GLN B 492 -22.63 31.83 -2.49
N LEU B 493 -22.58 30.84 -1.62
CA LEU B 493 -21.31 30.17 -1.38
C LEU B 493 -20.77 29.43 -2.60
N ILE B 494 -21.64 28.76 -3.35
CA ILE B 494 -21.20 28.02 -4.54
C ILE B 494 -20.51 29.00 -5.50
N ALA B 495 -20.99 30.23 -5.53
CA ALA B 495 -20.40 31.23 -6.40
C ALA B 495 -18.97 31.51 -5.92
N LEU B 496 -18.82 31.86 -4.64
CA LEU B 496 -17.50 32.12 -4.09
C LEU B 496 -16.52 30.99 -4.39
N ARG B 497 -16.96 29.75 -4.19
CA ARG B 497 -16.10 28.60 -4.46
C ARG B 497 -15.55 28.61 -5.88
N LYS B 498 -16.42 28.82 -6.87
CA LYS B 498 -15.97 28.85 -8.26
C LYS B 498 -14.99 29.99 -8.44
N GLN B 499 -15.19 31.06 -7.69
CA GLN B 499 -14.32 32.23 -7.79
C GLN B 499 -12.94 32.10 -7.13
N TYR B 500 -12.85 31.32 -6.05
CA TYR B 500 -11.58 31.19 -5.34
C TYR B 500 -10.91 29.82 -5.30
N ARG B 501 -9.91 29.63 -6.16
CA ARG B 501 -9.17 28.38 -6.24
C ARG B 501 -8.71 27.90 -4.90
N SER B 502 -8.16 28.80 -4.09
CA SER B 502 -7.69 28.42 -2.77
C SER B 502 -8.78 27.61 -2.05
N LEU B 503 -10.03 28.04 -2.21
CA LEU B 503 -11.13 27.33 -1.57
C LEU B 503 -11.24 25.93 -2.15
N ARG B 504 -11.23 25.85 -3.47
CA ARG B 504 -11.34 24.57 -4.13
C ARG B 504 -10.15 23.64 -3.99
N ARG B 505 -8.93 24.14 -4.19
CA ARG B 505 -7.81 23.23 -4.16
C ARG B 505 -6.68 23.55 -3.21
N GLY B 506 -6.80 24.66 -2.47
CA GLY B 506 -5.73 25.05 -1.57
C GLY B 506 -5.58 24.23 -0.31
N GLU B 507 -4.57 24.60 0.48
CA GLU B 507 -4.29 23.94 1.74
C GLU B 507 -5.11 24.64 2.83
N ILE B 508 -5.35 23.92 3.92
CA ILE B 508 -6.12 24.45 5.04
C ILE B 508 -5.34 24.38 6.34
N SER B 509 -5.43 25.44 7.14
CA SER B 509 -4.73 25.46 8.41
C SER B 509 -5.61 26.16 9.42
N PHE B 510 -5.55 25.70 10.66
CA PHE B 510 -6.37 26.28 11.71
C PHE B 510 -5.58 27.20 12.61
N LEU B 511 -6.05 28.42 12.74
CA LEU B 511 -5.41 29.40 13.59
C LEU B 511 -6.04 29.26 14.96
N HIS B 512 -5.21 29.31 16.00
CA HIS B 512 -5.70 29.16 17.37
C HIS B 512 -6.31 30.43 17.93
N ALA B 513 -7.63 30.40 18.15
CA ALA B 513 -8.33 31.55 18.70
C ALA B 513 -8.12 31.50 20.20
N ASP B 514 -8.62 32.51 20.93
CA ASP B 514 -8.45 32.51 22.37
C ASP B 514 -9.71 31.88 23.01
N ASP B 515 -10.00 30.67 22.55
CA ASP B 515 -11.12 29.86 22.99
C ASP B 515 -11.37 28.75 21.97
N GLU B 516 -10.64 27.65 22.11
CA GLU B 516 -10.79 26.52 21.21
C GLU B 516 -11.90 25.63 21.74
N MET B 517 -13.09 26.22 21.85
CA MET B 517 -14.27 25.53 22.34
C MET B 517 -15.54 26.05 21.70
N ASN B 518 -15.44 27.18 20.99
CA ASN B 518 -16.62 27.76 20.35
C ASN B 518 -16.31 28.62 19.11
N TYR B 519 -15.09 29.14 19.01
CA TYR B 519 -14.73 29.95 17.84
C TYR B 519 -13.77 29.16 16.96
N LEU B 520 -14.08 29.05 15.68
CA LEU B 520 -13.19 28.33 14.78
C LEU B 520 -12.64 29.27 13.72
N ILE B 521 -11.32 29.26 13.55
CA ILE B 521 -10.69 30.11 12.53
C ILE B 521 -9.71 29.34 11.68
N TYR B 522 -9.85 29.46 10.36
CA TYR B 522 -8.97 28.73 9.46
C TYR B 522 -8.86 29.45 8.12
N LYS B 523 -7.88 29.07 7.30
CA LYS B 523 -7.73 29.70 5.99
C LYS B 523 -7.36 28.68 4.93
N LYS B 524 -7.60 29.04 3.67
CA LYS B 524 -7.29 28.16 2.55
C LYS B 524 -6.24 28.83 1.67
N THR B 525 -5.21 28.09 1.26
CA THR B 525 -4.15 28.65 0.43
C THR B 525 -3.65 27.68 -0.63
N ASP B 526 -3.69 28.08 -1.89
CA ASP B 526 -3.20 27.21 -2.96
C ASP B 526 -1.84 27.70 -3.41
N GLY B 527 -1.23 28.54 -2.58
CA GLY B 527 0.08 29.12 -2.86
C GLY B 527 -0.04 30.49 -3.52
N ASP B 528 -1.08 30.66 -4.32
CA ASP B 528 -1.31 31.93 -5.01
C ASP B 528 -2.25 32.87 -4.26
N GLU B 529 -3.45 32.41 -3.95
CA GLU B 529 -4.40 33.25 -3.23
C GLU B 529 -4.66 32.66 -1.86
N THR B 530 -5.27 33.45 -0.99
CA THR B 530 -5.54 33.01 0.37
C THR B 530 -6.88 33.50 0.91
N VAL B 531 -7.73 32.60 1.36
CA VAL B 531 -8.99 33.06 1.94
C VAL B 531 -9.01 32.69 3.42
N LEU B 532 -9.57 33.58 4.23
CA LEU B 532 -9.66 33.40 5.67
C LEU B 532 -11.13 33.23 6.11
N VAL B 533 -11.39 32.27 6.98
CA VAL B 533 -12.75 32.01 7.48
C VAL B 533 -12.81 32.07 9.00
N ILE B 534 -13.78 32.80 9.54
CA ILE B 534 -13.95 32.91 10.98
C ILE B 534 -15.40 32.59 11.32
N ILE B 535 -15.57 31.58 12.17
CA ILE B 535 -16.90 31.15 12.56
C ILE B 535 -17.14 31.27 14.07
N ASN B 536 -18.35 31.68 14.45
CA ASN B 536 -18.71 31.80 15.86
C ASN B 536 -19.70 30.69 16.19
N ARG B 537 -19.16 29.52 16.51
CA ARG B 537 -20.02 28.40 16.82
C ARG B 537 -20.61 28.45 18.22
N SER B 538 -21.52 29.38 18.45
CA SER B 538 -22.16 29.49 19.77
C SER B 538 -23.41 30.34 19.65
N ASP B 539 -24.37 30.12 20.54
CA ASP B 539 -25.61 30.88 20.49
C ASP B 539 -25.55 32.29 21.06
N GLN B 540 -24.35 32.88 21.08
CA GLN B 540 -24.16 34.25 21.60
C GLN B 540 -23.32 35.08 20.63
N LYS B 541 -23.29 36.39 20.86
CA LYS B 541 -22.48 37.27 20.01
C LYS B 541 -21.05 37.16 20.53
N ALA B 542 -20.08 37.37 19.67
CA ALA B 542 -18.71 37.26 20.11
C ALA B 542 -17.81 38.20 19.35
N ASP B 543 -16.78 38.69 20.05
CA ASP B 543 -15.81 39.58 19.46
C ASP B 543 -14.55 38.77 19.23
N ILE B 544 -14.33 38.41 17.98
CA ILE B 544 -13.19 37.58 17.63
C ILE B 544 -12.01 38.33 17.02
N PRO B 545 -10.81 38.06 17.53
CA PRO B 545 -9.57 38.68 17.07
C PRO B 545 -8.94 37.91 15.89
N ILE B 546 -8.79 38.57 14.75
CA ILE B 546 -8.18 37.94 13.58
C ILE B 546 -6.66 37.96 13.75
N PRO B 547 -6.02 36.78 13.81
CA PRO B 547 -4.57 36.62 13.99
C PRO B 547 -3.77 36.67 12.69
N LEU B 548 -3.53 37.88 12.21
CA LEU B 548 -2.79 38.08 10.98
C LEU B 548 -1.78 39.20 11.13
N ASP B 549 -0.65 39.06 10.43
CA ASP B 549 0.39 40.07 10.46
C ASP B 549 -0.12 41.17 9.53
N ALA B 550 0.12 42.42 9.88
CA ALA B 550 -0.38 43.55 9.10
C ALA B 550 0.53 44.22 8.08
N ARG B 551 1.78 43.80 7.97
CA ARG B 551 2.66 44.44 7.00
C ARG B 551 2.25 44.22 5.54
N GLY B 552 1.65 45.25 4.95
CA GLY B 552 1.20 45.13 3.57
C GLY B 552 0.09 44.11 3.42
N THR B 553 -0.68 43.92 4.48
CA THR B 553 -1.77 42.96 4.48
C THR B 553 -3.14 43.62 4.37
N TRP B 554 -3.91 43.18 3.40
CA TRP B 554 -5.25 43.71 3.17
C TRP B 554 -6.28 42.59 3.20
N LEU B 555 -7.45 42.86 3.76
CA LEU B 555 -8.49 41.83 3.83
C LEU B 555 -9.70 42.27 3.04
N VAL B 556 -10.36 41.34 2.40
CA VAL B 556 -11.55 41.65 1.62
C VAL B 556 -12.73 40.78 2.06
N ASN B 557 -13.82 41.42 2.48
CA ASN B 557 -14.99 40.65 2.91
C ASN B 557 -15.70 40.12 1.67
N LEU B 558 -15.71 38.80 1.52
CA LEU B 558 -16.31 38.12 0.36
C LEU B 558 -17.83 38.04 0.35
N LEU B 559 -18.45 38.48 1.43
CA LEU B 559 -19.90 38.44 1.57
C LEU B 559 -20.52 39.82 1.32
N THR B 560 -19.94 40.84 1.94
CA THR B 560 -20.44 42.22 1.80
C THR B 560 -19.67 43.03 0.76
N GLY B 561 -18.50 42.55 0.36
CA GLY B 561 -17.73 43.29 -0.63
C GLY B 561 -16.82 44.34 -0.02
N GLU B 562 -17.12 44.70 1.23
CA GLU B 562 -16.35 45.70 1.98
C GLU B 562 -14.85 45.38 1.92
N ARG B 563 -14.02 46.36 2.22
CA ARG B 563 -12.57 46.15 2.18
C ARG B 563 -11.91 46.97 3.29
N PHE B 564 -10.64 46.68 3.56
CA PHE B 564 -9.89 47.39 4.60
C PHE B 564 -8.51 46.77 4.79
N ALA B 565 -7.73 47.34 5.71
CA ALA B 565 -6.39 46.82 5.95
C ALA B 565 -6.01 46.64 7.40
N ALA B 566 -5.03 45.76 7.62
CA ALA B 566 -4.51 45.47 8.95
C ALA B 566 -3.38 46.47 9.17
N GLU B 567 -3.43 47.18 10.29
CA GLU B 567 -2.42 48.20 10.61
C GLU B 567 -1.41 47.70 11.64
N ALA B 568 -0.63 48.63 12.19
CA ALA B 568 0.36 48.28 13.22
C ALA B 568 -0.42 47.95 14.48
N GLU B 569 -1.67 47.53 14.27
CA GLU B 569 -2.60 47.15 15.33
C GLU B 569 -3.87 46.61 14.65
N THR B 570 -3.73 45.49 13.94
CA THR B 570 -4.85 44.87 13.24
C THR B 570 -6.14 44.81 14.06
N LEU B 571 -7.26 44.56 13.38
CA LEU B 571 -8.57 44.53 14.03
C LEU B 571 -9.09 43.15 14.45
N CYS B 572 -10.33 43.13 14.92
CA CYS B 572 -11.00 41.90 15.34
C CYS B 572 -12.50 41.96 15.03
N THR B 573 -12.97 41.03 14.20
CA THR B 573 -14.39 40.99 13.84
C THR B 573 -15.24 40.62 15.04
N SER B 574 -16.54 40.66 14.84
CA SER B 574 -17.47 40.31 15.89
C SER B 574 -18.78 39.89 15.22
N LEU B 575 -19.08 38.60 15.31
CA LEU B 575 -20.26 38.03 14.68
C LEU B 575 -21.37 37.72 15.67
N PRO B 576 -22.62 37.63 15.18
CA PRO B 576 -23.76 37.34 16.03
C PRO B 576 -23.76 35.83 16.24
N PRO B 577 -24.82 35.31 16.87
CA PRO B 577 -24.92 33.87 17.11
C PRO B 577 -24.77 33.08 15.83
N TYR B 578 -23.84 32.13 15.86
CA TYR B 578 -23.55 31.30 14.71
C TYR B 578 -23.16 32.13 13.51
N GLY B 579 -22.54 33.28 13.76
CA GLY B 579 -22.13 34.16 12.68
C GLY B 579 -20.87 33.68 11.97
N PHE B 580 -20.53 34.31 10.85
CA PHE B 580 -19.34 33.91 10.12
C PHE B 580 -18.87 35.01 9.19
N VAL B 581 -17.76 34.75 8.49
CA VAL B 581 -17.19 35.72 7.58
C VAL B 581 -16.02 35.14 6.80
N LEU B 582 -15.83 35.64 5.59
CA LEU B 582 -14.74 35.18 4.73
C LEU B 582 -13.91 36.39 4.28
N TYR B 583 -12.61 36.24 4.28
CA TYR B 583 -11.74 37.34 3.86
C TYR B 583 -10.68 36.87 2.90
N ALA B 584 -10.49 37.59 1.81
CA ALA B 584 -9.43 37.25 0.86
C ALA B 584 -8.25 38.04 1.39
N ILE B 585 -7.12 37.37 1.58
CA ILE B 585 -5.94 38.05 2.11
C ILE B 585 -5.01 38.48 0.99
N GLU B 586 -4.59 39.73 1.03
CA GLU B 586 -3.69 40.26 0.02
C GLU B 586 -2.37 40.69 0.66
N HIS B 587 -1.27 40.17 0.13
CA HIS B 587 0.05 40.49 0.65
C HIS B 587 0.80 41.46 -0.28
N TRP B 588 0.60 42.75 -0.03
CA TRP B 588 1.24 43.81 -0.79
C TRP B 588 2.51 44.28 -0.15
C1 GLC C . 24.02 -0.75 -6.47
C2 GLC C . 23.02 0.15 -5.73
C3 GLC C . 21.66 -0.53 -5.53
C4 GLC C . 21.16 -1.09 -6.85
C5 GLC C . 22.20 -2.07 -7.35
C6 GLC C . 21.81 -2.82 -8.61
O1 GLC C . 24.50 -1.77 -5.65
O2 GLC C . 23.55 0.53 -4.46
O3 GLC C . 20.73 0.39 -5.01
O4 GLC C . 19.91 -1.73 -6.67
O5 GLC C . 23.42 -1.36 -7.63
O6 GLC C . 22.84 -3.79 -8.92
C1 GLC C . 22.53 -4.58 -10.03
C2 GLC C . 23.44 -5.81 -10.07
C3 GLC C . 24.86 -5.31 -10.24
C4 GLC C . 24.97 -4.60 -11.56
C5 GLC C . 23.97 -3.43 -11.59
C6 GLC C . 23.88 -2.85 -12.99
O2 GLC C . 23.31 -6.57 -8.86
O3 GLC C . 25.80 -6.39 -10.18
O4 GLC C . 26.29 -4.10 -11.71
O5 GLC C . 22.64 -3.86 -11.26
O6 GLC C . 23.77 -3.90 -13.95
C1 GLC C . 26.90 -4.33 -12.94
C2 GLC C . 28.24 -5.04 -12.70
C3 GLC C . 29.19 -4.10 -11.93
C4 GLC C . 29.34 -2.76 -12.67
C5 GLC C . 27.95 -2.15 -12.96
C6 GLC C . 28.02 -0.92 -13.80
O2 GLC C . 28.03 -6.22 -11.95
O3 GLC C . 30.46 -4.73 -11.78
O4 GLC C . 30.10 -1.85 -11.90
O5 GLC C . 27.12 -3.11 -13.66
O6 GLC C . 28.82 -1.14 -14.96
C1 GLC D . -23.89 -0.14 5.15
C2 GLC D . -22.57 -0.79 5.58
C3 GLC D . -21.36 -0.35 4.76
C4 GLC D . -21.68 -0.33 3.25
C5 GLC D . -22.93 0.50 3.02
C6 GLC D . -23.29 0.55 1.54
O1 GLC D . -24.01 1.15 5.65
O2 GLC D . -22.33 -0.46 6.94
O3 GLC D . -20.29 -1.26 4.99
O4 GLC D . -20.59 0.23 2.53
O5 GLC D . -24.05 -0.10 3.71
O6 GLC D . -24.60 1.13 1.36
C1 GLC D . -25.04 0.99 0.03
C2 GLC D . -26.11 2.05 -0.27
C3 GLC D . -27.35 1.74 0.55
C4 GLC D . -27.86 0.35 0.19
C5 GLC D . -26.75 -0.68 0.44
C6 GLC D . -27.12 -2.08 -0.03
O2 GLC D . -25.62 3.35 0.04
O3 GLC D . -28.35 2.72 0.33
O4 GLC D . -29.01 0.06 1.01
O5 GLC D . -25.54 -0.31 -0.25
O6 GLC D . -27.44 -2.09 -1.41
C1 GLC D . -30.13 -0.46 0.35
C2 GLC D . -31.27 0.58 0.36
C3 GLC D . -31.79 0.76 1.78
C4 GLC D . -32.29 -0.58 2.29
C5 GLC D . -31.13 -1.57 2.28
C6 GLC D . -31.58 -2.94 2.68
O2 GLC D . -30.79 1.81 -0.15
O3 GLC D . -32.82 1.72 1.79
O4 GLC D . -32.82 -0.45 3.61
O5 GLC D . -30.58 -1.69 0.94
O6 GLC D . -30.94 -3.92 1.87
#